data_9DDQ
#
_entry.id   9DDQ
#
_cell.length_a   1.00
_cell.length_b   1.00
_cell.length_c   1.00
_cell.angle_alpha   90.00
_cell.angle_beta   90.00
_cell.angle_gamma   90.00
#
_symmetry.space_group_name_H-M   'P 1'
#
loop_
_entity.id
_entity.type
_entity.pdbx_description
1 polymer 'Biopolymer transport protein ExbB'
2 polymer 'Protein TonB'
3 polymer 'Biopolymer transport protein ExbD'
#
loop_
_entity_poly.entity_id
_entity_poly.type
_entity_poly.pdbx_seq_one_letter_code
_entity_poly.pdbx_strand_id
1 'polypeptide(L)'
;MGNNLMQTDLSVWGMYQHADIVVKCVMIGLILASVVTWAIFFSKSVEFFNQKRRLKREQQLLAEARSLNQANDIAADFGS
KSLSLHLLNEAQNELELSEGSDDNEGIKERTSFRLERRVAAVGRQMGRGNGYLATIGAISPFVGLFGTVWGIMNSFIGIA
QTQTTNLAVVAPGIAEALLATAIGLVAAIPAVVIYNVFARQIGGFKAMLGDVAAQVLLLQSRDLDLEASAAAHPVRVAQK
LRAG
;
A,B,C,D,E
2 'polypeptide(L)'
;MTLDLPRRFPWPTLLSVCIHGAVVAGLLYTSVHQVIELPAPAQPISVTMVTPADLEPPQAVQPPPEPVVEPEPEPEPIPE
PPKEAPVVIEKPKPKPKPKPKPVKKVQEQPKRDVKPVESRPASPFENTAPARLTSSTATAATSKPVTSVASGPRALSRNQ
PQYPARAQALRIEGQVKVKFDVTPDGRVDNVQILSAKPANMFEREVKNAMRRWRYEPGKPGSGIVVNILFKINGTTEIQG
GGSENLYFQGGSAWSHPQFEK
;
F
3 'polypeptide(L)'
;MAMHLNENLDDNGEMHDINVTPFIDVMLVLLIIFMVAAPLATVDVKVNLPASTSTPQPRPEKPVYLSVKADNSMFIGNDP
VTDETMITALNALTEGKKDTTIFFRADKTVDYETLMKVMDTLHQAGYLKIGLVGEETAKAKENLYFQGNAGSGHHHHHHH
HHH
;
Y,Z
#
# COMPACT_ATOMS: atom_id res chain seq x y z
N ASP A 9 -22.92 13.89 40.02
CA ASP A 9 -22.83 12.43 40.34
C ASP A 9 -22.59 11.64 39.05
N LEU A 10 -22.60 12.32 37.90
CA LEU A 10 -22.41 11.62 36.60
C LEU A 10 -20.91 11.40 36.34
N SER A 11 -20.24 10.64 37.23
CA SER A 11 -18.80 10.31 37.01
C SER A 11 -18.71 9.16 36.01
N VAL A 12 -17.51 8.88 35.49
CA VAL A 12 -17.41 7.82 34.46
C VAL A 12 -18.19 6.55 34.81
N TRP A 13 -18.07 6.04 36.04
CA TRP A 13 -18.83 4.87 36.50
C TRP A 13 -20.35 5.13 36.54
N GLY A 14 -20.77 6.34 36.92
CA GLY A 14 -22.17 6.75 36.93
C GLY A 14 -22.74 6.92 35.53
N MET A 15 -21.97 7.44 34.58
CA MET A 15 -22.38 7.56 33.19
C MET A 15 -22.57 6.19 32.57
N TYR A 16 -21.65 5.25 32.80
CA TYR A 16 -21.85 3.86 32.40
C TYR A 16 -23.08 3.23 33.06
N GLN A 17 -23.30 3.56 34.33
CA GLN A 17 -24.46 3.03 35.09
C GLN A 17 -25.73 3.73 34.60
N HIS A 18 -25.61 4.91 33.99
CA HIS A 18 -26.77 5.71 33.53
C HIS A 18 -26.64 5.95 32.02
N ALA A 19 -26.53 4.87 31.24
CA ALA A 19 -26.43 4.97 29.75
C ALA A 19 -27.45 4.04 29.12
N ASP A 20 -27.74 4.20 27.83
CA ASP A 20 -28.61 3.23 27.14
C ASP A 20 -27.97 1.84 26.94
N ILE A 21 -28.77 0.78 26.97
CA ILE A 21 -28.30 -0.61 26.88
C ILE A 21 -27.46 -0.87 25.64
N VAL A 22 -27.83 -0.31 24.48
CA VAL A 22 -27.04 -0.43 23.25
C VAL A 22 -25.66 0.18 23.43
N VAL A 23 -25.56 1.38 23.99
CA VAL A 23 -24.25 2.01 24.21
C VAL A 23 -23.49 1.37 25.38
N LYS A 24 -24.15 0.81 26.42
CA LYS A 24 -23.48 -0.06 27.39
C LYS A 24 -22.77 -1.22 26.69
N CYS A 25 -23.47 -1.88 25.76
CA CYS A 25 -22.89 -2.97 25.01
C CYS A 25 -21.68 -2.52 24.19
N VAL A 26 -21.71 -1.31 23.61
CA VAL A 26 -20.53 -0.73 22.96
C VAL A 26 -19.37 -0.54 23.96
N MET A 27 -19.61 -0.03 25.17
CA MET A 27 -18.54 0.08 26.18
C MET A 27 -17.91 -1.28 26.46
N ILE A 28 -18.72 -2.32 26.69
CA ILE A 28 -18.21 -3.67 26.95
C ILE A 28 -17.44 -4.21 25.74
N GLY A 29 -17.93 -4.00 24.52
CA GLY A 29 -17.23 -4.41 23.31
C GLY A 29 -15.83 -3.80 23.23
N LEU A 30 -15.70 -2.49 23.39
CA LEU A 30 -14.37 -1.87 23.37
C LEU A 30 -13.51 -2.28 24.56
N ILE A 31 -14.06 -2.44 25.77
CA ILE A 31 -13.28 -2.87 26.92
C ILE A 31 -12.73 -4.29 26.68
N LEU A 32 -13.52 -5.22 26.14
CA LEU A 32 -13.03 -6.54 25.80
C LEU A 32 -11.98 -6.50 24.68
N ALA A 33 -12.12 -5.60 23.70
CA ALA A 33 -11.08 -5.39 22.70
C ALA A 33 -9.79 -4.82 23.32
N SER A 34 -9.90 -3.95 24.31
CA SER A 34 -8.75 -3.45 25.06
C SER A 34 -8.04 -4.56 25.83
N VAL A 35 -8.81 -5.43 26.51
CA VAL A 35 -8.27 -6.62 27.16
C VAL A 35 -7.53 -7.51 26.16
N VAL A 36 -8.13 -7.87 25.03
CA VAL A 36 -7.47 -8.81 24.11
C VAL A 36 -6.22 -8.21 23.46
N THR A 37 -6.19 -6.92 23.15
CA THR A 37 -4.96 -6.33 22.59
C THR A 37 -3.83 -6.35 23.61
N TRP A 38 -4.08 -6.03 24.87
CA TRP A 38 -3.04 -6.17 25.90
C TRP A 38 -2.68 -7.63 26.18
N ALA A 39 -3.61 -8.57 26.14
CA ALA A 39 -3.29 -9.99 26.25
C ALA A 39 -2.37 -10.45 25.10
N ILE A 40 -2.64 -10.04 23.86
CA ILE A 40 -1.77 -10.35 22.74
C ILE A 40 -0.40 -9.71 22.93
N PHE A 41 -0.32 -8.46 23.39
CA PHE A 41 0.97 -7.81 23.62
C PHE A 41 1.83 -8.58 24.62
N PHE A 42 1.31 -8.91 25.80
CA PHE A 42 2.09 -9.66 26.78
C PHE A 42 2.41 -11.08 26.27
N SER A 43 1.47 -11.75 25.60
CA SER A 43 1.71 -13.10 25.05
C SER A 43 2.82 -13.12 24.00
N LYS A 44 2.80 -12.21 23.04
CA LYS A 44 3.80 -12.17 21.97
C LYS A 44 5.10 -11.51 22.39
N SER A 45 5.10 -10.58 23.33
CA SER A 45 6.34 -9.93 23.75
C SER A 45 7.35 -10.93 24.30
N VAL A 46 6.91 -11.87 25.16
CA VAL A 46 7.80 -12.92 25.67
C VAL A 46 8.21 -13.91 24.58
N GLU A 47 7.33 -14.23 23.63
CA GLU A 47 7.66 -15.10 22.50
C GLU A 47 8.75 -14.48 21.61
N PHE A 48 8.58 -13.23 21.17
CA PHE A 48 9.61 -12.56 20.39
C PHE A 48 10.90 -12.43 21.17
N PHE A 49 10.84 -12.02 22.43
CA PHE A 49 12.05 -11.89 23.22
C PHE A 49 12.79 -13.22 23.32
N ASN A 50 12.11 -14.32 23.60
CA ASN A 50 12.76 -15.61 23.72
C ASN A 50 13.27 -16.15 22.37
N GLN A 51 12.44 -16.08 21.33
CA GLN A 51 12.79 -16.62 19.98
C GLN A 51 13.90 -15.81 19.31
N LYS A 52 13.89 -14.48 19.44
CA LYS A 52 14.93 -13.61 18.88
C LYS A 52 16.24 -13.74 19.66
N ARG A 53 16.19 -13.80 20.99
CA ARG A 53 17.36 -14.06 21.85
C ARG A 53 18.05 -15.36 21.45
N ARG A 54 17.29 -16.46 21.34
CA ARG A 54 17.83 -17.77 20.97
C ARG A 54 18.43 -17.74 19.56
N LEU A 55 17.70 -17.22 18.58
CA LEU A 55 18.16 -17.21 17.20
C LEU A 55 19.43 -16.37 17.03
N LYS A 56 19.55 -15.23 17.72
CA LYS A 56 20.79 -14.43 17.68
C LYS A 56 21.98 -15.23 18.20
N ARG A 57 21.83 -15.94 19.31
CA ARG A 57 22.88 -16.81 19.85
C ARG A 57 23.25 -17.93 18.86
N GLU A 58 22.27 -18.63 18.31
CA GLU A 58 22.52 -19.67 17.32
C GLU A 58 23.23 -19.14 16.08
N GLN A 59 22.87 -17.94 15.59
CA GLN A 59 23.58 -17.31 14.48
C GLN A 59 25.05 -17.07 14.84
N GLN A 60 25.35 -16.50 16.00
CA GLN A 60 26.74 -16.24 16.40
C GLN A 60 27.54 -17.51 16.63
N LEU A 61 26.90 -18.61 17.05
CA LEU A 61 27.55 -19.92 17.08
C LEU A 61 27.87 -20.40 15.65
N LEU A 62 26.89 -20.39 14.74
CA LEU A 62 27.06 -20.94 13.39
C LEU A 62 27.93 -20.10 12.47
N ALA A 63 28.04 -18.78 12.68
CA ALA A 63 28.82 -17.89 11.82
C ALA A 63 30.30 -18.31 11.69
N GLU A 64 30.82 -19.05 12.66
CA GLU A 64 32.19 -19.59 12.65
C GLU A 64 32.38 -20.79 11.71
N ALA A 65 31.32 -21.53 11.38
CA ALA A 65 31.39 -22.80 10.67
C ALA A 65 31.90 -22.65 9.22
N ARG A 66 32.55 -23.69 8.69
CA ARG A 66 33.21 -23.68 7.38
C ARG A 66 32.84 -24.84 6.45
N SER A 67 32.06 -25.81 6.93
CA SER A 67 31.45 -26.88 6.13
C SER A 67 30.14 -27.33 6.76
N LEU A 68 29.26 -27.95 5.98
CA LEU A 68 27.94 -28.34 6.48
C LEU A 68 28.03 -29.41 7.58
N ASN A 69 28.98 -30.34 7.48
CA ASN A 69 29.20 -31.33 8.55
C ASN A 69 29.60 -30.66 9.87
N GLN A 70 30.41 -29.61 9.81
CA GLN A 70 30.75 -28.85 11.02
C GLN A 70 29.53 -28.13 11.59
N ALA A 71 28.69 -27.54 10.74
CA ALA A 71 27.47 -26.89 11.20
C ALA A 71 26.53 -27.88 11.89
N ASN A 72 26.42 -29.10 11.35
CA ASN A 72 25.55 -30.13 11.96
C ASN A 72 26.05 -30.49 13.36
N ASP A 73 27.35 -30.52 13.59
CA ASP A 73 27.93 -30.93 14.90
C ASP A 73 27.81 -29.76 15.89
N ILE A 74 28.06 -28.53 15.41
CA ILE A 74 27.87 -27.34 16.25
C ILE A 74 26.43 -27.25 16.74
N ALA A 75 25.45 -27.47 15.87
CA ALA A 75 24.04 -27.37 16.23
C ALA A 75 23.50 -28.61 16.95
N ALA A 76 24.26 -29.70 17.03
CA ALA A 76 23.77 -30.99 17.52
C ALA A 76 23.19 -30.96 18.95
N ASP A 77 23.62 -30.02 19.79
CA ASP A 77 23.12 -29.85 21.16
C ASP A 77 22.09 -28.71 21.31
N PHE A 78 21.62 -28.14 20.19
CA PHE A 78 20.54 -27.11 20.26
C PHE A 78 19.22 -27.81 20.61
N GLY A 79 18.33 -27.14 21.33
CA GLY A 79 17.05 -27.73 21.75
C GLY A 79 16.13 -28.10 20.58
N SER A 80 15.18 -29.01 20.79
CA SER A 80 14.34 -29.55 19.71
C SER A 80 13.46 -28.50 19.00
N LYS A 81 13.19 -27.36 19.64
CA LYS A 81 12.48 -26.22 19.04
C LYS A 81 13.39 -25.21 18.33
N SER A 82 14.69 -25.48 18.25
CA SER A 82 15.67 -24.61 17.60
C SER A 82 15.40 -24.46 16.10
N LEU A 83 15.20 -23.23 15.64
CA LEU A 83 14.93 -22.95 14.24
C LEU A 83 16.16 -23.21 13.36
N SER A 84 17.36 -22.88 13.82
CA SER A 84 18.55 -23.19 13.03
C SER A 84 18.79 -24.69 12.92
N LEU A 85 18.55 -25.46 13.99
CA LEU A 85 18.66 -26.92 13.92
C LEU A 85 17.60 -27.48 12.97
N HIS A 86 16.39 -26.93 12.99
CA HIS A 86 15.34 -27.33 12.07
C HIS A 86 15.73 -27.08 10.61
N LEU A 87 16.32 -25.92 10.27
CA LEU A 87 16.82 -25.66 8.93
C LEU A 87 18.00 -26.56 8.55
N LEU A 88 18.95 -26.82 9.45
CA LEU A 88 20.05 -27.75 9.17
C LEU A 88 19.55 -29.17 8.91
N ASN A 89 18.58 -29.64 9.70
CA ASN A 89 17.92 -30.91 9.41
C ASN A 89 17.22 -30.89 8.06
N GLU A 90 16.53 -29.80 7.71
CA GLU A 90 15.83 -29.70 6.43
C GLU A 90 16.81 -29.82 5.25
N ALA A 91 17.98 -29.20 5.35
CA ALA A 91 19.03 -29.33 4.35
C ALA A 91 19.65 -30.73 4.33
N GLN A 92 20.02 -31.28 5.50
CA GLN A 92 20.59 -32.62 5.59
C GLN A 92 19.64 -33.70 5.02
N ASN A 93 18.35 -33.55 5.26
CA ASN A 93 17.36 -34.48 4.77
C ASN A 93 17.27 -34.48 3.24
N GLU A 94 17.51 -33.36 2.56
CA GLU A 94 17.53 -33.38 1.10
C GLU A 94 18.76 -34.12 0.56
N LEU A 95 19.89 -34.12 1.28
CA LEU A 95 21.02 -34.96 0.91
C LEU A 95 20.70 -36.44 1.06
N GLU A 96 20.18 -36.88 2.21
CA GLU A 96 19.94 -38.31 2.45
C GLU A 96 18.85 -38.89 1.55
N LEU A 97 17.83 -38.11 1.17
CA LEU A 97 16.84 -38.53 0.18
C LEU A 97 17.37 -38.53 -1.25
N SER A 98 18.45 -37.81 -1.53
CA SER A 98 19.07 -37.75 -2.87
C SER A 98 20.23 -38.71 -3.07
N GLU A 99 20.53 -39.57 -2.10
CA GLU A 99 21.81 -40.27 -1.97
C GLU A 99 22.24 -41.03 -3.24
N GLY A 100 21.28 -41.63 -3.96
CA GLY A 100 21.51 -42.38 -5.20
C GLY A 100 21.66 -41.55 -6.47
N SER A 101 22.05 -40.27 -6.38
CA SER A 101 22.06 -39.34 -7.52
C SER A 101 23.24 -38.36 -7.48
N ASP A 102 23.55 -37.74 -8.62
CA ASP A 102 24.70 -36.86 -8.80
C ASP A 102 24.36 -35.55 -9.56
N ASP A 103 23.09 -35.20 -9.69
CA ASP A 103 22.68 -33.88 -10.20
C ASP A 103 22.82 -32.83 -9.10
N ASN A 104 24.03 -32.32 -8.92
CA ASN A 104 24.34 -31.36 -7.85
C ASN A 104 23.55 -30.06 -8.01
N GLU A 105 23.38 -29.55 -9.22
CA GLU A 105 22.49 -28.42 -9.50
C GLU A 105 21.05 -28.73 -9.06
N GLY A 106 20.57 -29.95 -9.28
CA GLY A 106 19.29 -30.42 -8.78
C GLY A 106 19.19 -30.42 -7.26
N ILE A 107 20.19 -30.95 -6.55
CA ILE A 107 20.21 -30.96 -5.09
C ILE A 107 20.22 -29.54 -4.54
N LYS A 108 21.03 -28.64 -5.13
CA LYS A 108 21.10 -27.23 -4.73
C LYS A 108 19.76 -26.54 -4.95
N GLU A 109 19.11 -26.75 -6.07
CA GLU A 109 17.78 -26.18 -6.33
C GLU A 109 16.73 -26.70 -5.36
N ARG A 110 16.61 -28.02 -5.21
CA ARG A 110 15.61 -28.63 -4.33
C ARG A 110 15.78 -28.17 -2.89
N THR A 111 17.02 -28.07 -2.41
CA THR A 111 17.30 -27.59 -1.06
C THR A 111 16.89 -26.14 -0.92
N SER A 112 17.28 -25.27 -1.86
CA SER A 112 16.90 -23.86 -1.83
C SER A 112 15.40 -23.71 -1.71
N PHE A 113 14.65 -24.43 -2.54
CA PHE A 113 13.20 -24.34 -2.53
C PHE A 113 12.61 -24.79 -1.19
N ARG A 114 13.09 -25.90 -0.60
CA ARG A 114 12.64 -26.34 0.73
C ARG A 114 12.92 -25.31 1.81
N LEU A 115 14.11 -24.73 1.87
CA LEU A 115 14.42 -23.77 2.94
C LEU A 115 13.59 -22.50 2.79
N GLU A 116 13.41 -21.97 1.59
CA GLU A 116 12.57 -20.79 1.39
C GLU A 116 11.11 -21.05 1.77
N ARG A 117 10.56 -22.23 1.47
CA ARG A 117 9.25 -22.63 1.98
C ARG A 117 9.22 -22.60 3.50
N ARG A 118 10.21 -23.19 4.18
CA ARG A 118 10.21 -23.26 5.64
C ARG A 118 10.36 -21.90 6.30
N VAL A 119 11.23 -21.03 5.80
CA VAL A 119 11.37 -19.66 6.33
C VAL A 119 10.09 -18.87 6.14
N ALA A 120 9.44 -18.98 4.98
CA ALA A 120 8.14 -18.36 4.77
C ALA A 120 7.09 -18.90 5.75
N ALA A 121 7.06 -20.21 5.99
CA ALA A 121 6.15 -20.83 6.95
C ALA A 121 6.36 -20.35 8.38
N VAL A 122 7.61 -20.30 8.85
CA VAL A 122 7.91 -19.78 10.20
C VAL A 122 7.50 -18.32 10.31
N GLY A 123 7.78 -17.49 9.32
CA GLY A 123 7.34 -16.10 9.33
C GLY A 123 5.81 -15.96 9.42
N ARG A 124 5.08 -16.68 8.58
CA ARG A 124 3.60 -16.69 8.57
C ARG A 124 3.02 -17.19 9.88
N GLN A 125 3.59 -18.26 10.43
CA GLN A 125 3.13 -18.90 11.66
C GLN A 125 3.44 -18.06 12.91
N MET A 126 4.42 -17.14 12.78
CA MET A 126 4.86 -16.26 13.89
C MET A 126 4.16 -14.88 13.85
N GLY A 127 3.37 -14.57 12.83
CA GLY A 127 2.58 -13.31 12.81
C GLY A 127 1.15 -13.65 13.16
N ARG A 128 0.95 -14.63 14.04
CA ARG A 128 -0.36 -15.23 14.33
C ARG A 128 -1.41 -14.22 14.78
N GLY A 129 -1.07 -13.36 15.73
CA GLY A 129 -2.02 -12.47 16.39
C GLY A 129 -2.40 -11.23 15.59
N ASN A 130 -1.63 -10.84 14.59
CA ASN A 130 -1.74 -9.53 13.94
C ASN A 130 -3.11 -9.25 13.32
N GLY A 131 -3.87 -10.27 12.92
CA GLY A 131 -5.23 -10.10 12.40
C GLY A 131 -6.16 -9.40 13.39
N TYR A 132 -6.05 -9.70 14.68
CA TYR A 132 -6.79 -8.97 15.71
C TYR A 132 -6.30 -7.53 15.81
N LEU A 133 -4.99 -7.33 15.95
CA LEU A 133 -4.43 -6.00 16.18
C LEU A 133 -4.73 -5.04 15.03
N ALA A 134 -4.55 -5.46 13.79
CA ALA A 134 -4.88 -4.65 12.62
C ALA A 134 -6.38 -4.36 12.55
N THR A 135 -7.23 -5.36 12.77
CA THR A 135 -8.68 -5.18 12.75
C THR A 135 -9.13 -4.21 13.83
N ILE A 136 -8.73 -4.42 15.08
CA ILE A 136 -9.09 -3.57 16.22
C ILE A 136 -8.53 -2.17 16.02
N GLY A 137 -7.31 -2.01 15.52
CA GLY A 137 -6.74 -0.70 15.20
C GLY A 137 -7.51 0.06 14.11
N ALA A 138 -8.05 -0.64 13.11
CA ALA A 138 -8.89 -0.02 12.09
C ALA A 138 -10.29 0.31 12.59
N ILE A 139 -11.00 -0.65 13.21
CA ILE A 139 -12.44 -0.53 13.47
C ILE A 139 -12.80 0.06 14.83
N SER A 140 -11.94 0.00 15.85
CA SER A 140 -12.33 0.46 17.19
C SER A 140 -12.74 1.94 17.26
N PRO A 141 -12.15 2.89 16.51
CA PRO A 141 -12.71 4.25 16.45
C PRO A 141 -14.15 4.25 15.92
N PHE A 142 -14.45 3.44 14.91
CA PHE A 142 -15.77 3.43 14.28
C PHE A 142 -16.84 2.79 15.15
N VAL A 143 -16.58 1.68 15.84
CA VAL A 143 -17.59 1.16 16.78
C VAL A 143 -17.79 2.10 17.97
N GLY A 144 -16.75 2.80 18.42
CA GLY A 144 -16.92 3.90 19.38
C GLY A 144 -17.79 5.04 18.81
N LEU A 145 -17.56 5.41 17.56
CA LEU A 145 -18.37 6.42 16.88
C LEU A 145 -19.83 5.99 16.77
N PHE A 146 -20.11 4.74 16.41
CA PHE A 146 -21.46 4.23 16.38
C PHE A 146 -22.13 4.33 17.74
N GLY A 147 -21.40 4.03 18.82
CA GLY A 147 -21.91 4.22 20.18
C GLY A 147 -22.32 5.66 20.47
N THR A 148 -21.48 6.65 20.17
CA THR A 148 -21.83 8.05 20.45
C THR A 148 -22.95 8.55 19.55
N VAL A 149 -22.95 8.19 18.26
CA VAL A 149 -24.04 8.55 17.34
C VAL A 149 -25.37 8.02 17.88
N TRP A 150 -25.41 6.76 18.30
CA TRP A 150 -26.61 6.19 18.91
C TRP A 150 -27.03 6.94 20.19
N GLY A 151 -26.07 7.24 21.07
CA GLY A 151 -26.35 7.97 22.31
C GLY A 151 -26.92 9.36 22.06
N ILE A 152 -26.35 10.10 21.11
CA ILE A 152 -26.89 11.41 20.72
C ILE A 152 -28.30 11.24 20.16
N MET A 153 -28.49 10.28 19.26
CA MET A 153 -29.78 10.03 18.64
C MET A 153 -30.87 9.70 19.67
N ASN A 154 -30.56 8.91 20.68
CA ASN A 154 -31.46 8.69 21.82
C ASN A 154 -31.79 10.00 22.56
N SER A 155 -30.77 10.80 22.87
CA SER A 155 -30.98 12.06 23.61
C SER A 155 -31.81 13.06 22.80
N PHE A 156 -31.63 13.10 21.49
CA PHE A 156 -32.40 13.93 20.58
C PHE A 156 -33.87 13.51 20.54
N ILE A 157 -34.14 12.26 20.17
CA ILE A 157 -35.55 11.77 20.18
C ILE A 157 -36.09 11.98 21.60
N GLY A 158 -35.20 12.13 22.58
CA GLY A 158 -35.63 12.42 23.96
C GLY A 158 -36.17 13.83 24.07
N ILE A 159 -35.60 14.77 23.31
CA ILE A 159 -36.09 16.18 23.30
C ILE A 159 -37.20 16.30 22.23
N ALA A 160 -37.25 15.38 21.28
CA ALA A 160 -38.35 15.40 20.27
C ALA A 160 -39.67 15.30 21.03
N GLN A 161 -39.75 14.36 21.97
CA GLN A 161 -40.95 14.25 22.83
C GLN A 161 -40.58 14.84 24.20
N THR A 162 -41.47 14.75 25.19
CA THR A 162 -41.17 15.28 26.53
C THR A 162 -40.33 16.51 26.33
N GLN A 163 -40.72 17.36 25.37
CA GLN A 163 -39.93 18.57 25.03
C GLN A 163 -39.49 19.29 26.31
N THR A 164 -38.18 19.47 26.51
CA THR A 164 -37.63 20.20 27.68
C THR A 164 -36.69 21.26 27.13
N THR A 165 -37.08 22.54 27.18
CA THR A 165 -36.25 23.58 26.56
C THR A 165 -34.89 23.79 27.25
N ASN A 166 -34.69 23.22 28.45
CA ASN A 166 -33.47 23.42 29.24
C ASN A 166 -32.27 22.64 28.67
N LEU A 167 -31.14 23.32 28.40
CA LEU A 167 -29.88 22.66 28.02
C LEU A 167 -29.35 21.71 29.10
N ALA A 168 -29.53 22.05 30.38
CA ALA A 168 -28.91 21.31 31.47
C ALA A 168 -29.37 19.85 31.58
N VAL A 169 -30.58 19.50 31.11
CA VAL A 169 -31.07 18.11 31.16
C VAL A 169 -30.56 17.23 30.03
N VAL A 170 -30.05 17.79 28.93
CA VAL A 170 -29.41 16.97 27.86
C VAL A 170 -27.91 16.80 28.04
N ALA A 171 -27.24 17.69 28.76
CA ALA A 171 -25.80 17.63 28.97
C ALA A 171 -25.29 16.26 29.49
N PRO A 172 -25.92 15.59 30.47
CA PRO A 172 -25.57 14.20 30.82
C PRO A 172 -25.60 13.26 29.62
N GLY A 173 -26.66 13.31 28.81
CA GLY A 173 -26.78 12.50 27.59
C GLY A 173 -25.67 12.78 26.58
N ILE A 174 -25.27 14.05 26.44
CA ILE A 174 -24.13 14.41 25.59
C ILE A 174 -22.82 13.80 26.13
N ALA A 175 -22.56 13.90 27.43
CA ALA A 175 -21.35 13.32 28.00
C ALA A 175 -21.35 11.79 27.90
N GLU A 176 -22.46 11.13 28.23
CA GLU A 176 -22.59 9.68 28.12
C GLU A 176 -22.35 9.20 26.69
N ALA A 177 -22.80 9.95 25.69
CA ALA A 177 -22.53 9.63 24.30
C ALA A 177 -21.05 9.80 23.97
N LEU A 178 -20.46 10.96 24.27
CA LEU A 178 -19.05 11.23 23.98
C LEU A 178 -18.11 10.20 24.63
N LEU A 179 -18.43 9.70 25.81
CA LEU A 179 -17.62 8.69 26.49
C LEU A 179 -17.43 7.45 25.61
N ALA A 180 -18.40 7.06 24.79
CA ALA A 180 -18.25 5.93 23.89
C ALA A 180 -17.15 6.14 22.85
N THR A 181 -16.99 7.33 22.29
CA THR A 181 -15.87 7.60 21.36
C THR A 181 -14.56 7.79 22.12
N ALA A 182 -14.56 8.32 23.33
CA ALA A 182 -13.35 8.35 24.15
C ALA A 182 -12.82 6.93 24.43
N ILE A 183 -13.68 6.03 24.91
CA ILE A 183 -13.31 4.62 25.12
C ILE A 183 -12.88 3.96 23.80
N GLY A 184 -13.51 4.31 22.68
CA GLY A 184 -13.07 3.87 21.35
C GLY A 184 -11.61 4.22 21.07
N LEU A 185 -11.20 5.48 21.26
CA LEU A 185 -9.82 5.89 21.01
C LEU A 185 -8.82 5.28 22.01
N VAL A 186 -9.22 5.10 23.27
CA VAL A 186 -8.40 4.41 24.28
C VAL A 186 -8.14 2.96 23.91
N ALA A 187 -9.05 2.29 23.21
CA ALA A 187 -8.79 0.97 22.64
C ALA A 187 -7.94 1.05 21.35
N ALA A 188 -8.18 2.03 20.49
CA ALA A 188 -7.51 2.15 19.20
C ALA A 188 -6.01 2.45 19.30
N ILE A 189 -5.62 3.36 20.19
CA ILE A 189 -4.24 3.84 20.26
C ILE A 189 -3.26 2.71 20.62
N PRO A 190 -3.44 1.94 21.71
CA PRO A 190 -2.60 0.77 21.97
C PRO A 190 -2.56 -0.21 20.80
N ALA A 191 -3.68 -0.47 20.13
CA ALA A 191 -3.69 -1.41 19.01
C ALA A 191 -2.77 -0.96 17.87
N VAL A 192 -2.80 0.33 17.49
CA VAL A 192 -1.90 0.83 16.44
C VAL A 192 -0.44 0.82 16.90
N VAL A 193 -0.15 1.18 18.15
CA VAL A 193 1.22 1.11 18.68
C VAL A 193 1.75 -0.32 18.66
N ILE A 194 1.02 -1.24 19.27
CA ILE A 194 1.45 -2.64 19.40
C ILE A 194 1.59 -3.27 18.02
N TYR A 195 0.68 -3.00 17.10
CA TYR A 195 0.78 -3.51 15.74
C TYR A 195 2.07 -3.06 15.04
N ASN A 196 2.43 -1.78 15.12
CA ASN A 196 3.67 -1.32 14.51
C ASN A 196 4.91 -1.93 15.17
N VAL A 197 4.93 -2.04 16.49
CA VAL A 197 6.04 -2.69 17.20
C VAL A 197 6.22 -4.12 16.70
N PHE A 198 5.15 -4.92 16.62
CA PHE A 198 5.27 -6.28 16.13
C PHE A 198 5.50 -6.39 14.63
N ALA A 199 5.02 -5.47 13.80
CA ALA A 199 5.38 -5.46 12.39
C ALA A 199 6.89 -5.29 12.23
N ARG A 200 7.49 -4.34 12.96
CA ARG A 200 8.94 -4.11 12.90
C ARG A 200 9.75 -5.26 13.51
N GLN A 201 9.30 -5.82 14.64
CA GLN A 201 9.95 -6.99 15.24
C GLN A 201 9.93 -8.19 14.29
N ILE A 202 8.80 -8.51 13.67
CA ILE A 202 8.70 -9.60 12.70
C ILE A 202 9.62 -9.32 11.52
N GLY A 203 9.65 -8.10 10.99
CA GLY A 203 10.53 -7.76 9.87
C GLY A 203 12.00 -8.05 10.18
N GLY A 204 12.50 -7.62 11.34
CA GLY A 204 13.85 -7.92 11.79
C GLY A 204 14.09 -9.41 11.99
N PHE A 205 13.16 -10.10 12.66
CA PHE A 205 13.28 -11.52 12.94
C PHE A 205 13.28 -12.36 11.67
N LYS A 206 12.36 -12.09 10.75
CA LYS A 206 12.24 -12.79 9.47
C LYS A 206 13.52 -12.63 8.65
N ALA A 207 14.11 -11.44 8.63
CA ALA A 207 15.38 -11.22 7.96
C ALA A 207 16.55 -11.94 8.65
N MET A 208 16.61 -11.96 9.99
CA MET A 208 17.63 -12.72 10.70
C MET A 208 17.53 -14.21 10.39
N LEU A 209 16.33 -14.78 10.39
CA LEU A 209 16.12 -16.18 10.03
C LEU A 209 16.50 -16.45 8.58
N GLY A 210 16.21 -15.52 7.67
CA GLY A 210 16.64 -15.60 6.28
C GLY A 210 18.16 -15.65 6.15
N ASP A 211 18.91 -14.88 6.95
CA ASP A 211 20.37 -14.94 6.93
C ASP A 211 20.91 -16.28 7.45
N VAL A 212 20.27 -16.90 8.44
CA VAL A 212 20.63 -18.25 8.86
C VAL A 212 20.38 -19.24 7.73
N ALA A 213 19.22 -19.20 7.08
CA ALA A 213 18.94 -20.06 5.94
C ALA A 213 19.95 -19.85 4.80
N ALA A 214 20.30 -18.61 4.50
CA ALA A 214 21.29 -18.30 3.49
C ALA A 214 22.66 -18.90 3.82
N GLN A 215 23.10 -18.87 5.09
CA GLN A 215 24.35 -19.52 5.45
C GLN A 215 24.29 -21.04 5.21
N VAL A 216 23.16 -21.68 5.50
CA VAL A 216 23.02 -23.12 5.22
C VAL A 216 23.13 -23.42 3.72
N LEU A 217 22.48 -22.64 2.87
CA LEU A 217 22.60 -22.82 1.42
C LEU A 217 24.02 -22.58 0.93
N LEU A 218 24.70 -21.55 1.43
CA LEU A 218 26.07 -21.24 1.03
C LEU A 218 27.04 -22.35 1.46
N LEU A 219 26.95 -22.83 2.70
CA LEU A 219 27.76 -23.95 3.19
C LEU A 219 27.57 -25.19 2.32
N GLN A 220 26.32 -25.56 2.06
CA GLN A 220 26.03 -26.71 1.22
C GLN A 220 26.52 -26.53 -0.21
N SER A 221 26.30 -25.35 -0.79
CA SER A 221 26.71 -25.01 -2.13
C SER A 221 28.23 -25.14 -2.31
N ARG A 222 29.02 -24.58 -1.38
CA ARG A 222 30.47 -24.81 -1.39
C ARG A 222 30.81 -26.28 -1.24
N ASP A 223 30.21 -26.97 -0.27
CA ASP A 223 30.60 -28.35 0.02
C ASP A 223 30.39 -29.30 -1.16
N LEU A 224 29.26 -29.20 -1.86
CA LEU A 224 28.98 -30.02 -3.04
C LEU A 224 29.95 -29.75 -4.18
N ASP A 225 30.28 -28.48 -4.45
CA ASP A 225 31.24 -28.13 -5.49
C ASP A 225 32.66 -28.57 -5.13
N LEU A 226 33.07 -28.43 -3.87
CA LEU A 226 34.36 -28.91 -3.37
C LEU A 226 34.44 -30.44 -3.48
N GLU A 227 33.40 -31.17 -3.09
CA GLU A 227 33.38 -32.62 -3.22
C GLU A 227 33.48 -33.04 -4.70
N ALA A 228 32.70 -32.43 -5.58
CA ALA A 228 32.75 -32.72 -7.01
C ALA A 228 34.13 -32.41 -7.62
N SER A 229 34.78 -31.33 -7.19
CA SER A 229 36.14 -31.02 -7.60
C SER A 229 37.16 -32.03 -7.07
N ALA A 230 37.09 -32.40 -5.79
CA ALA A 230 37.99 -33.39 -5.21
C ALA A 230 37.80 -34.80 -5.82
N ALA A 231 36.60 -35.10 -6.34
CA ALA A 231 36.32 -36.35 -7.06
C ALA A 231 36.93 -36.40 -8.48
N ALA A 232 37.38 -35.27 -9.05
CA ALA A 232 37.97 -35.24 -10.39
C ALA A 232 39.27 -36.04 -10.48
N ASP B 9 -43.40 11.43 18.02
CA ASP B 9 -42.21 10.87 17.32
C ASP B 9 -41.94 9.41 17.74
N LEU B 10 -41.23 8.64 16.90
CA LEU B 10 -40.88 7.23 17.12
C LEU B 10 -39.37 7.00 16.91
N SER B 11 -38.80 6.04 17.66
CA SER B 11 -37.36 5.91 17.88
C SER B 11 -36.48 5.82 16.62
N VAL B 12 -36.93 5.08 15.60
CA VAL B 12 -36.22 4.97 14.31
C VAL B 12 -37.20 5.04 13.14
N TRP B 13 -38.26 4.22 13.12
CA TRP B 13 -39.15 4.19 11.95
C TRP B 13 -39.77 5.54 11.64
N GLY B 14 -40.34 6.22 12.64
CA GLY B 14 -40.96 7.54 12.46
C GLY B 14 -39.98 8.57 11.91
N MET B 15 -38.75 8.53 12.42
CA MET B 15 -37.65 9.38 11.99
C MET B 15 -37.20 9.07 10.56
N TYR B 16 -37.10 7.80 10.18
CA TYR B 16 -36.79 7.38 8.82
C TYR B 16 -37.91 7.76 7.83
N GLN B 17 -39.17 7.44 8.12
CA GLN B 17 -40.26 7.72 7.17
C GLN B 17 -40.47 9.23 6.98
N HIS B 18 -39.99 10.07 7.89
CA HIS B 18 -40.10 11.55 7.75
C HIS B 18 -38.93 12.10 6.91
N ALA B 19 -37.87 11.32 6.71
CA ALA B 19 -36.66 11.80 6.03
C ALA B 19 -36.88 12.15 4.55
N ASP B 20 -36.07 13.07 4.02
CA ASP B 20 -36.04 13.42 2.60
C ASP B 20 -35.73 12.23 1.68
N ILE B 21 -36.29 12.22 0.48
CA ILE B 21 -36.17 11.16 -0.52
C ILE B 21 -34.71 10.82 -0.84
N VAL B 22 -33.81 11.82 -0.88
CA VAL B 22 -32.38 11.58 -1.13
C VAL B 22 -31.75 10.79 0.01
N VAL B 23 -32.10 11.11 1.25
CA VAL B 23 -31.60 10.35 2.41
C VAL B 23 -32.25 8.97 2.47
N LYS B 24 -33.55 8.83 2.18
CA LYS B 24 -34.18 7.50 2.08
C LYS B 24 -33.46 6.62 1.06
N CYS B 25 -33.09 7.17 -0.09
CA CYS B 25 -32.33 6.40 -1.09
C CYS B 25 -30.95 5.97 -0.57
N VAL B 26 -30.20 6.87 0.07
CA VAL B 26 -28.91 6.52 0.68
C VAL B 26 -29.06 5.44 1.74
N MET B 27 -30.05 5.56 2.63
CA MET B 27 -30.33 4.56 3.66
C MET B 27 -30.61 3.19 3.05
N ILE B 28 -31.52 3.10 2.08
CA ILE B 28 -31.86 1.84 1.44
C ILE B 28 -30.66 1.27 0.68
N GLY B 29 -29.90 2.11 -0.04
CA GLY B 29 -28.70 1.65 -0.74
C GLY B 29 -27.64 1.06 0.18
N LEU B 30 -27.42 1.68 1.34
CA LEU B 30 -26.50 1.14 2.33
C LEU B 30 -27.04 -0.14 3.01
N ILE B 31 -28.34 -0.26 3.25
CA ILE B 31 -28.93 -1.50 3.78
C ILE B 31 -28.75 -2.64 2.77
N LEU B 32 -28.91 -2.39 1.47
CA LEU B 32 -28.58 -3.38 0.45
C LEU B 32 -27.09 -3.73 0.44
N ALA B 33 -26.20 -2.75 0.59
CA ALA B 33 -24.78 -3.03 0.74
C ALA B 33 -24.47 -3.85 2.01
N SER B 34 -25.21 -3.66 3.10
CA SER B 34 -25.10 -4.48 4.29
C SER B 34 -25.55 -5.93 4.05
N VAL B 35 -26.73 -6.16 3.47
CA VAL B 35 -27.20 -7.53 3.28
C VAL B 35 -26.34 -8.30 2.29
N VAL B 36 -25.79 -7.67 1.24
CA VAL B 36 -24.90 -8.39 0.34
C VAL B 36 -23.60 -8.77 1.03
N THR B 37 -23.07 -7.97 1.96
CA THR B 37 -21.78 -8.27 2.64
C THR B 37 -21.98 -9.44 3.59
N TRP B 38 -23.10 -9.51 4.34
CA TRP B 38 -23.42 -10.68 5.15
C TRP B 38 -23.76 -11.91 4.31
N ALA B 39 -24.46 -11.75 3.19
CA ALA B 39 -24.74 -12.87 2.31
C ALA B 39 -23.46 -13.51 1.77
N ILE B 40 -22.52 -12.74 1.22
CA ILE B 40 -21.28 -13.30 0.68
C ILE B 40 -20.34 -13.79 1.79
N PHE B 41 -20.41 -13.25 3.01
CA PHE B 41 -19.72 -13.82 4.16
C PHE B 41 -20.19 -15.25 4.43
N PHE B 42 -21.47 -15.47 4.72
CA PHE B 42 -21.96 -16.82 5.00
C PHE B 42 -21.77 -17.74 3.79
N SER B 43 -22.12 -17.27 2.60
CA SER B 43 -22.05 -18.06 1.37
C SER B 43 -20.65 -18.56 1.08
N LYS B 44 -19.62 -17.70 1.20
CA LYS B 44 -18.26 -18.14 0.94
C LYS B 44 -17.60 -18.79 2.15
N SER B 45 -17.92 -18.41 3.38
CA SER B 45 -17.25 -18.97 4.57
C SER B 45 -17.45 -20.49 4.68
N VAL B 46 -18.65 -21.00 4.38
CA VAL B 46 -18.91 -22.45 4.43
C VAL B 46 -18.21 -23.22 3.32
N GLU B 47 -18.01 -22.61 2.16
CA GLU B 47 -17.15 -23.17 1.11
C GLU B 47 -15.69 -23.16 1.57
N PHE B 48 -15.23 -22.02 2.10
CA PHE B 48 -13.84 -21.82 2.49
C PHE B 48 -13.41 -22.80 3.56
N PHE B 49 -14.21 -22.98 4.61
CA PHE B 49 -13.96 -23.99 5.63
C PHE B 49 -13.83 -25.38 5.03
N ASN B 50 -14.74 -25.78 4.12
CA ASN B 50 -14.67 -27.10 3.52
C ASN B 50 -13.40 -27.27 2.67
N GLN B 51 -12.98 -26.24 1.91
CA GLN B 51 -11.75 -26.28 1.08
C GLN B 51 -10.50 -26.31 1.96
N LYS B 52 -10.47 -25.59 3.07
CA LYS B 52 -9.38 -25.60 4.05
C LYS B 52 -9.26 -26.97 4.71
N ARG B 53 -10.38 -27.53 5.19
CA ARG B 53 -10.45 -28.83 5.85
C ARG B 53 -10.00 -29.96 4.93
N ARG B 54 -10.51 -30.02 3.70
CA ARG B 54 -10.10 -31.03 2.72
C ARG B 54 -8.63 -30.91 2.34
N LEU B 55 -8.15 -29.70 2.05
CA LEU B 55 -6.74 -29.49 1.69
C LEU B 55 -5.81 -29.88 2.83
N LYS B 56 -6.17 -29.57 4.09
CA LYS B 56 -5.42 -30.02 5.26
C LYS B 56 -5.34 -31.55 5.30
N ARG B 57 -6.47 -32.25 5.18
CA ARG B 57 -6.51 -33.71 5.21
C ARG B 57 -5.70 -34.34 4.07
N GLU B 58 -5.80 -33.83 2.85
CA GLU B 58 -4.99 -34.29 1.72
C GLU B 58 -3.50 -34.08 1.96
N GLN B 59 -3.11 -32.93 2.48
CA GLN B 59 -1.72 -32.65 2.84
C GLN B 59 -1.22 -33.64 3.90
N GLN B 60 -2.02 -33.92 4.94
CA GLN B 60 -1.65 -34.86 6.00
C GLN B 60 -1.41 -36.29 5.48
N LEU B 61 -2.14 -36.72 4.44
CA LEU B 61 -1.90 -38.01 3.80
C LEU B 61 -0.68 -37.96 2.88
N LEU B 62 -0.58 -36.97 1.99
CA LEU B 62 0.54 -36.88 1.05
C LEU B 62 1.89 -36.69 1.75
N ALA B 63 1.93 -36.18 2.98
CA ALA B 63 3.17 -35.86 3.67
C ALA B 63 4.16 -37.03 3.80
N GLU B 64 3.69 -38.29 3.77
CA GLU B 64 4.58 -39.46 3.88
C GLU B 64 5.23 -39.90 2.55
N ALA B 65 4.71 -39.46 1.40
CA ALA B 65 5.08 -40.03 0.10
C ALA B 65 6.55 -39.81 -0.26
N ARG B 66 7.19 -40.83 -0.84
CA ARG B 66 8.63 -40.86 -1.15
C ARG B 66 8.96 -41.05 -2.63
N SER B 67 7.96 -41.24 -3.49
CA SER B 67 8.08 -41.16 -4.95
C SER B 67 6.78 -40.62 -5.55
N LEU B 68 6.83 -40.03 -6.74
CA LEU B 68 5.64 -39.47 -7.39
C LEU B 68 4.65 -40.57 -7.77
N ASN B 69 5.14 -41.76 -8.10
CA ASN B 69 4.32 -42.94 -8.29
C ASN B 69 3.53 -43.28 -7.01
N GLN B 70 4.19 -43.29 -5.84
CA GLN B 70 3.50 -43.49 -4.56
C GLN B 70 2.51 -42.34 -4.27
N ALA B 71 2.86 -41.10 -4.61
CA ALA B 71 1.97 -39.95 -4.41
C ALA B 71 0.70 -40.06 -5.26
N ASN B 72 0.77 -40.62 -6.47
CA ASN B 72 -0.43 -40.92 -7.23
C ASN B 72 -1.27 -42.00 -6.56
N ASP B 73 -0.66 -43.11 -6.12
CA ASP B 73 -1.39 -44.22 -5.52
C ASP B 73 -2.11 -43.85 -4.22
N ILE B 74 -1.55 -42.95 -3.41
CA ILE B 74 -2.23 -42.47 -2.19
C ILE B 74 -3.31 -41.42 -2.51
N ALA B 75 -3.09 -40.54 -3.50
CA ALA B 75 -4.02 -39.47 -3.83
C ALA B 75 -5.21 -39.89 -4.71
N ALA B 76 -5.12 -41.00 -5.45
CA ALA B 76 -6.12 -41.34 -6.46
C ALA B 76 -7.55 -41.52 -5.93
N ASP B 77 -7.71 -41.84 -4.64
CA ASP B 77 -9.03 -41.98 -3.99
C ASP B 77 -9.63 -40.65 -3.48
N PHE B 78 -8.95 -39.53 -3.74
CA PHE B 78 -9.48 -38.19 -3.35
C PHE B 78 -10.69 -37.85 -4.24
N GLY B 79 -11.53 -36.91 -3.80
CA GLY B 79 -12.73 -36.51 -4.55
C GLY B 79 -12.46 -35.93 -5.93
N SER B 80 -13.44 -35.99 -6.83
CA SER B 80 -13.29 -35.60 -8.24
C SER B 80 -12.92 -34.13 -8.46
N LYS B 81 -13.19 -33.26 -7.49
CA LYS B 81 -12.78 -31.84 -7.49
C LYS B 81 -11.78 -31.49 -6.38
N SER B 82 -10.98 -32.47 -5.99
CA SER B 82 -9.83 -32.31 -5.10
C SER B 82 -8.79 -31.37 -5.71
N LEU B 83 -8.28 -30.42 -4.92
CA LEU B 83 -7.19 -29.54 -5.36
C LEU B 83 -5.87 -30.31 -5.47
N SER B 84 -5.53 -31.15 -4.50
CA SER B 84 -4.24 -31.86 -4.57
C SER B 84 -4.21 -32.84 -5.74
N LEU B 85 -5.28 -33.61 -5.96
CA LEU B 85 -5.32 -34.53 -7.09
C LEU B 85 -5.24 -33.78 -8.43
N HIS B 86 -5.77 -32.56 -8.50
CA HIS B 86 -5.59 -31.71 -9.67
C HIS B 86 -4.11 -31.40 -9.92
N LEU B 87 -3.34 -31.02 -8.89
CA LEU B 87 -1.90 -30.79 -9.07
C LEU B 87 -1.12 -32.07 -9.41
N LEU B 88 -1.43 -33.21 -8.79
CA LEU B 88 -0.78 -34.48 -9.16
C LEU B 88 -1.10 -34.85 -10.61
N ASN B 89 -2.35 -34.70 -11.06
CA ASN B 89 -2.71 -34.90 -12.45
C ASN B 89 -1.93 -33.95 -13.37
N GLU B 90 -1.76 -32.70 -12.98
CA GLU B 90 -1.06 -31.70 -13.79
C GLU B 90 0.41 -32.09 -14.00
N ALA B 91 1.12 -32.47 -12.94
CA ALA B 91 2.50 -32.91 -13.05
C ALA B 91 2.65 -34.24 -13.80
N GLN B 92 1.76 -35.20 -13.57
CA GLN B 92 1.77 -36.45 -14.33
C GLN B 92 1.49 -36.20 -15.82
N ASN B 93 0.61 -35.26 -16.14
CA ASN B 93 0.31 -34.91 -17.52
C ASN B 93 1.49 -34.24 -18.22
N GLU B 94 2.21 -33.34 -17.55
CA GLU B 94 3.41 -32.75 -18.16
C GLU B 94 4.48 -33.81 -18.47
N LEU B 95 4.58 -34.84 -17.64
CA LEU B 95 5.48 -35.97 -17.89
C LEU B 95 4.99 -36.84 -19.06
N GLU B 96 3.72 -37.25 -19.09
CA GLU B 96 3.24 -38.14 -20.16
C GLU B 96 3.27 -37.47 -21.54
N LEU B 97 3.04 -36.16 -21.63
CA LEU B 97 3.15 -35.40 -22.88
C LEU B 97 4.59 -35.23 -23.37
N SER B 98 5.58 -35.44 -22.49
CA SER B 98 6.99 -35.22 -22.77
C SER B 98 7.79 -36.50 -23.01
N GLU B 99 7.13 -37.65 -23.11
CA GLU B 99 7.80 -38.96 -22.98
C GLU B 99 8.89 -39.24 -24.03
N GLY B 100 8.90 -38.53 -25.16
CA GLY B 100 9.97 -38.62 -26.16
C GLY B 100 11.26 -37.85 -25.80
N SER B 101 11.25 -36.97 -24.80
CA SER B 101 12.41 -36.16 -24.41
C SER B 101 13.50 -36.98 -23.73
N ASP B 102 14.76 -36.65 -23.96
CA ASP B 102 15.90 -37.09 -23.14
C ASP B 102 16.30 -36.05 -22.08
N ASP B 103 16.11 -34.75 -22.34
CA ASP B 103 16.33 -33.69 -21.35
C ASP B 103 15.20 -33.66 -20.31
N ASN B 104 15.54 -34.06 -19.10
CA ASN B 104 14.64 -33.99 -17.95
C ASN B 104 14.51 -32.57 -17.41
N GLU B 105 15.51 -31.70 -17.59
CA GLU B 105 15.48 -30.34 -17.07
C GLU B 105 14.36 -29.50 -17.70
N GLY B 106 14.09 -29.71 -18.98
CA GLY B 106 12.92 -29.13 -19.64
C GLY B 106 11.59 -29.63 -19.04
N ILE B 107 11.51 -30.89 -18.63
CA ILE B 107 10.31 -31.40 -17.94
C ILE B 107 10.16 -30.69 -16.59
N LYS B 108 11.24 -30.50 -15.85
CA LYS B 108 11.24 -29.79 -14.57
C LYS B 108 10.82 -28.32 -14.75
N GLU B 109 11.38 -27.57 -15.71
CA GLU B 109 11.00 -26.17 -15.90
C GLU B 109 9.54 -26.05 -16.31
N ARG B 110 9.08 -26.86 -17.27
CA ARG B 110 7.68 -26.83 -17.71
C ARG B 110 6.71 -27.22 -16.60
N THR B 111 7.03 -28.24 -15.81
CA THR B 111 6.16 -28.62 -14.69
C THR B 111 6.10 -27.53 -13.64
N SER B 112 7.24 -26.95 -13.25
CA SER B 112 7.28 -25.85 -12.30
C SER B 112 6.44 -24.67 -12.77
N PHE B 113 6.63 -24.26 -14.02
CA PHE B 113 5.88 -23.16 -14.61
C PHE B 113 4.38 -23.44 -14.66
N ARG B 114 3.98 -24.66 -15.01
CA ARG B 114 2.56 -25.02 -15.09
C ARG B 114 1.90 -25.10 -13.71
N LEU B 115 2.56 -25.67 -12.70
CA LEU B 115 2.00 -25.70 -11.34
C LEU B 115 1.90 -24.29 -10.75
N GLU B 116 2.89 -23.42 -10.98
CA GLU B 116 2.83 -22.03 -10.53
C GLU B 116 1.61 -21.29 -11.12
N ARG B 117 1.30 -21.50 -12.40
CA ARG B 117 0.09 -20.95 -13.03
C ARG B 117 -1.17 -21.48 -12.36
N ARG B 118 -1.25 -22.80 -12.09
CA ARG B 118 -2.48 -23.42 -11.51
C ARG B 118 -2.68 -23.00 -10.05
N VAL B 119 -1.62 -22.88 -9.25
CA VAL B 119 -1.71 -22.34 -7.88
C VAL B 119 -2.22 -20.90 -7.91
N ALA B 120 -1.68 -20.05 -8.78
CA ALA B 120 -2.17 -18.69 -8.92
C ALA B 120 -3.62 -18.65 -9.39
N ALA B 121 -4.04 -19.51 -10.33
CA ALA B 121 -5.42 -19.53 -10.81
C ALA B 121 -6.41 -19.89 -9.70
N VAL B 122 -6.11 -20.90 -8.87
CA VAL B 122 -6.96 -21.22 -7.72
C VAL B 122 -6.93 -20.08 -6.69
N GLY B 123 -5.79 -19.42 -6.51
CA GLY B 123 -5.69 -18.21 -5.69
C GLY B 123 -6.64 -17.10 -6.14
N ARG B 124 -6.72 -16.81 -7.45
CA ARG B 124 -7.69 -15.85 -7.99
C ARG B 124 -9.12 -16.33 -7.77
N GLN B 125 -9.42 -17.59 -8.08
CA GLN B 125 -10.75 -18.15 -7.96
C GLN B 125 -11.27 -18.06 -6.51
N MET B 126 -10.43 -18.36 -5.53
CA MET B 126 -10.81 -18.30 -4.11
C MET B 126 -11.14 -16.88 -3.62
N GLY B 127 -10.61 -15.86 -4.29
CA GLY B 127 -10.87 -14.45 -4.00
C GLY B 127 -12.16 -13.87 -4.60
N ARG B 128 -13.01 -14.69 -5.24
CA ARG B 128 -14.08 -14.24 -6.15
C ARG B 128 -14.90 -13.03 -5.68
N GLY B 129 -15.39 -13.06 -4.44
CA GLY B 129 -16.27 -12.03 -3.91
C GLY B 129 -15.59 -10.79 -3.34
N ASN B 130 -14.27 -10.80 -3.16
CA ASN B 130 -13.58 -9.79 -2.34
C ASN B 130 -13.67 -8.36 -2.89
N GLY B 131 -13.97 -8.17 -4.16
CA GLY B 131 -14.21 -6.85 -4.74
C GLY B 131 -15.32 -6.09 -4.04
N TYR B 132 -16.44 -6.73 -3.72
CA TYR B 132 -17.53 -6.11 -2.96
C TYR B 132 -17.01 -5.69 -1.59
N LEU B 133 -16.41 -6.62 -0.84
CA LEU B 133 -15.97 -6.37 0.53
C LEU B 133 -15.00 -5.20 0.61
N ALA B 134 -13.96 -5.22 -0.22
CA ALA B 134 -12.95 -4.18 -0.22
C ALA B 134 -13.51 -2.83 -0.68
N THR B 135 -14.47 -2.81 -1.60
CA THR B 135 -15.09 -1.56 -2.06
C THR B 135 -16.04 -0.99 -1.02
N ILE B 136 -16.97 -1.78 -0.51
CA ILE B 136 -17.99 -1.32 0.43
C ILE B 136 -17.34 -0.79 1.70
N GLY B 137 -16.37 -1.50 2.26
CA GLY B 137 -15.64 -1.05 3.45
C GLY B 137 -14.78 0.19 3.23
N ALA B 138 -14.41 0.51 1.99
CA ALA B 138 -13.64 1.71 1.67
C ALA B 138 -14.52 2.94 1.41
N ILE B 139 -15.70 2.77 0.83
CA ILE B 139 -16.53 3.90 0.37
C ILE B 139 -17.82 4.13 1.15
N SER B 140 -18.34 3.17 1.90
CA SER B 140 -19.57 3.43 2.66
C SER B 140 -19.42 4.55 3.70
N PRO B 141 -18.26 4.83 4.31
CA PRO B 141 -18.08 6.04 5.10
C PRO B 141 -18.42 7.31 4.32
N PHE B 142 -17.90 7.47 3.10
CA PHE B 142 -18.18 8.65 2.30
C PHE B 142 -19.63 8.70 1.80
N VAL B 143 -20.26 7.55 1.53
CA VAL B 143 -21.70 7.55 1.21
C VAL B 143 -22.53 8.00 2.41
N GLY B 144 -22.16 7.58 3.62
CA GLY B 144 -22.78 8.09 4.84
C GLY B 144 -22.58 9.59 4.98
N LEU B 145 -21.35 10.07 4.77
CA LEU B 145 -20.99 11.48 4.83
C LEU B 145 -21.82 12.33 3.87
N PHE B 146 -22.02 11.90 2.62
CA PHE B 146 -22.90 12.57 1.68
C PHE B 146 -24.33 12.70 2.23
N GLY B 147 -24.86 11.63 2.81
CA GLY B 147 -26.15 11.69 3.50
C GLY B 147 -26.16 12.72 4.63
N THR B 148 -25.11 12.80 5.45
CA THR B 148 -25.03 13.84 6.49
C THR B 148 -25.06 15.23 5.90
N VAL B 149 -24.32 15.49 4.83
CA VAL B 149 -24.30 16.80 4.18
C VAL B 149 -25.70 17.17 3.71
N TRP B 150 -26.46 16.23 3.18
CA TRP B 150 -27.82 16.52 2.79
C TRP B 150 -28.72 16.87 3.98
N GLY B 151 -28.56 16.16 5.11
CA GLY B 151 -29.24 16.53 6.36
C GLY B 151 -28.86 17.91 6.85
N ILE B 152 -27.57 18.25 6.80
CA ILE B 152 -27.09 19.58 7.15
C ILE B 152 -27.72 20.64 6.23
N MET B 153 -27.71 20.46 4.91
CA MET B 153 -28.43 21.36 4.02
C MET B 153 -29.89 21.52 4.42
N ASN B 154 -30.60 20.43 4.65
CA ASN B 154 -32.00 20.50 5.01
C ASN B 154 -32.21 21.28 6.31
N SER B 155 -31.28 21.23 7.26
CA SER B 155 -31.38 22.06 8.46
C SER B 155 -31.30 23.55 8.13
N PHE B 156 -30.35 23.97 7.28
CA PHE B 156 -30.24 25.38 6.90
C PHE B 156 -31.39 25.84 6.01
N ILE B 157 -31.89 24.99 5.12
CA ILE B 157 -33.10 25.29 4.34
C ILE B 157 -34.28 25.51 5.29
N GLY B 158 -34.43 24.69 6.33
CA GLY B 158 -35.44 24.90 7.36
C GLY B 158 -35.33 26.28 8.01
N ILE B 159 -34.13 26.65 8.46
CA ILE B 159 -33.88 27.98 9.05
C ILE B 159 -34.24 29.10 8.07
N ALA B 160 -33.81 28.99 6.80
CA ALA B 160 -34.11 29.98 5.79
C ALA B 160 -35.62 30.11 5.51
N GLN B 161 -36.35 29.00 5.60
CA GLN B 161 -37.80 29.00 5.25
C GLN B 161 -38.66 29.62 6.37
N THR B 162 -38.26 29.42 7.63
CA THR B 162 -39.01 29.98 8.77
C THR B 162 -38.34 31.25 9.24
N GLN B 163 -37.11 31.49 8.78
CA GLN B 163 -36.34 32.71 9.18
C GLN B 163 -36.11 32.68 10.71
N THR B 164 -36.08 31.48 11.32
CA THR B 164 -35.92 31.37 12.78
C THR B 164 -34.92 30.28 13.11
N THR B 165 -34.49 30.21 14.36
CA THR B 165 -33.51 29.18 14.78
C THR B 165 -34.07 28.08 15.70
N ASN B 166 -35.39 28.00 15.90
CA ASN B 166 -36.02 27.08 16.87
C ASN B 166 -35.63 25.62 16.60
N LEU B 167 -35.35 24.83 17.65
CA LEU B 167 -34.84 23.47 17.47
C LEU B 167 -35.73 22.61 16.58
N ALA B 168 -37.04 22.86 16.62
CA ALA B 168 -37.97 22.12 15.74
C ALA B 168 -37.54 22.24 14.28
N VAL B 169 -36.96 23.38 13.89
CA VAL B 169 -36.65 23.60 12.44
C VAL B 169 -35.45 22.74 12.02
N VAL B 170 -34.43 22.59 12.86
CA VAL B 170 -33.20 21.83 12.45
C VAL B 170 -33.42 20.34 12.72
N ALA B 171 -34.39 20.02 13.59
CA ALA B 171 -34.66 18.63 13.96
C ALA B 171 -34.68 17.63 12.79
N PRO B 172 -35.39 17.84 11.68
CA PRO B 172 -35.38 16.88 10.57
C PRO B 172 -34.02 16.75 9.90
N GLY B 173 -33.27 17.85 9.77
CA GLY B 173 -31.93 17.81 9.16
C GLY B 173 -30.93 17.04 10.01
N ILE B 174 -30.95 17.23 11.33
CA ILE B 174 -30.06 16.48 12.22
C ILE B 174 -30.51 15.03 12.40
N ALA B 175 -31.81 14.75 12.40
CA ALA B 175 -32.33 13.40 12.35
C ALA B 175 -31.82 12.64 11.13
N GLU B 176 -31.88 13.26 9.95
CA GLU B 176 -31.30 12.71 8.74
C GLU B 176 -29.80 12.49 8.87
N ALA B 177 -29.06 13.47 9.39
CA ALA B 177 -27.62 13.34 9.53
C ALA B 177 -27.21 12.23 10.51
N LEU B 178 -27.94 12.04 11.60
CA LEU B 178 -27.70 10.94 12.52
C LEU B 178 -27.94 9.59 11.84
N LEU B 179 -29.10 9.38 11.22
CA LEU B 179 -29.41 8.11 10.55
C LEU B 179 -28.41 7.80 9.44
N ALA B 180 -28.09 8.75 8.58
CA ALA B 180 -27.14 8.54 7.50
C ALA B 180 -25.75 8.21 8.03
N THR B 181 -25.32 8.80 9.15
CA THR B 181 -24.06 8.41 9.79
C THR B 181 -24.14 7.00 10.33
N ALA B 182 -25.19 6.69 11.10
CA ALA B 182 -25.35 5.41 11.78
C ALA B 182 -25.35 4.26 10.78
N ILE B 183 -26.15 4.34 9.72
CA ILE B 183 -26.17 3.29 8.71
C ILE B 183 -24.87 3.28 7.91
N GLY B 184 -24.23 4.42 7.68
CA GLY B 184 -22.90 4.49 7.06
C GLY B 184 -21.86 3.66 7.81
N LEU B 185 -21.82 3.79 9.14
CA LEU B 185 -20.95 2.97 10.00
C LEU B 185 -21.37 1.51 10.02
N VAL B 186 -22.66 1.20 10.11
CA VAL B 186 -23.16 -0.18 10.13
C VAL B 186 -22.85 -0.91 8.82
N ALA B 187 -22.77 -0.21 7.69
CA ALA B 187 -22.26 -0.80 6.46
C ALA B 187 -20.73 -0.97 6.48
N ALA B 188 -19.98 -0.02 7.04
CA ALA B 188 -18.52 -0.04 7.00
C ALA B 188 -17.91 -1.13 7.90
N ILE B 189 -18.31 -1.19 9.17
CA ILE B 189 -17.61 -1.97 10.19
C ILE B 189 -17.59 -3.46 9.84
N PRO B 190 -18.71 -4.14 9.54
CA PRO B 190 -18.70 -5.51 9.07
C PRO B 190 -17.82 -5.70 7.83
N ALA B 191 -17.91 -4.84 6.83
CA ALA B 191 -17.13 -5.02 5.62
C ALA B 191 -15.61 -4.97 5.89
N VAL B 192 -15.14 -4.09 6.77
CA VAL B 192 -13.71 -4.03 7.12
C VAL B 192 -13.29 -5.26 7.94
N VAL B 193 -14.12 -5.73 8.87
CA VAL B 193 -13.84 -6.96 9.63
C VAL B 193 -13.77 -8.16 8.69
N ILE B 194 -14.83 -8.40 7.90
CA ILE B 194 -14.93 -9.55 7.01
C ILE B 194 -13.84 -9.52 5.95
N TYR B 195 -13.47 -8.36 5.40
CA TYR B 195 -12.38 -8.27 4.46
C TYR B 195 -11.05 -8.71 5.08
N ASN B 196 -10.75 -8.27 6.30
CA ASN B 196 -9.52 -8.70 6.99
C ASN B 196 -9.55 -10.20 7.32
N VAL B 197 -10.67 -10.74 7.78
CA VAL B 197 -10.80 -12.18 8.02
C VAL B 197 -10.51 -12.98 6.75
N PHE B 198 -11.08 -12.60 5.60
CA PHE B 198 -10.78 -13.31 4.35
C PHE B 198 -9.38 -13.03 3.80
N ALA B 199 -8.80 -11.84 3.98
CA ALA B 199 -7.42 -11.61 3.58
C ALA B 199 -6.47 -12.56 4.33
N ARG B 200 -6.68 -12.74 5.63
CA ARG B 200 -5.93 -13.71 6.45
C ARG B 200 -6.18 -15.15 6.03
N GLN B 201 -7.44 -15.54 5.82
CA GLN B 201 -7.76 -16.89 5.38
C GLN B 201 -7.20 -17.21 3.99
N ILE B 202 -7.26 -16.29 3.04
CA ILE B 202 -6.65 -16.44 1.71
C ILE B 202 -5.15 -16.62 1.83
N GLY B 203 -4.46 -15.80 2.63
CA GLY B 203 -3.01 -15.94 2.82
C GLY B 203 -2.64 -17.34 3.33
N GLY B 204 -3.34 -17.82 4.36
CA GLY B 204 -3.13 -19.16 4.92
C GLY B 204 -3.43 -20.27 3.91
N PHE B 205 -4.60 -20.25 3.28
CA PHE B 205 -4.99 -21.26 2.30
C PHE B 205 -4.07 -21.27 1.09
N LYS B 206 -3.81 -20.12 0.48
CA LYS B 206 -2.96 -20.04 -0.71
C LYS B 206 -1.53 -20.47 -0.38
N ALA B 207 -1.04 -20.21 0.83
CA ALA B 207 0.22 -20.75 1.27
C ALA B 207 0.20 -22.27 1.44
N MET B 208 -0.84 -22.86 2.03
CA MET B 208 -0.97 -24.32 2.09
C MET B 208 -0.97 -24.94 0.70
N LEU B 209 -1.70 -24.35 -0.25
CA LEU B 209 -1.74 -24.88 -1.61
C LEU B 209 -0.37 -24.78 -2.28
N GLY B 210 0.35 -23.68 -2.06
CA GLY B 210 1.72 -23.54 -2.52
C GLY B 210 2.67 -24.56 -1.90
N ASP B 211 2.44 -24.97 -0.65
CA ASP B 211 3.25 -25.99 0.00
C ASP B 211 3.00 -27.38 -0.60
N VAL B 212 1.74 -27.73 -0.89
CA VAL B 212 1.43 -28.96 -1.63
C VAL B 212 2.04 -28.93 -3.02
N ALA B 213 1.93 -27.82 -3.75
CA ALA B 213 2.54 -27.68 -5.06
C ALA B 213 4.05 -27.87 -5.00
N ALA B 214 4.72 -27.24 -4.03
CA ALA B 214 6.14 -27.43 -3.83
C ALA B 214 6.50 -28.89 -3.52
N GLN B 215 5.70 -29.59 -2.73
CA GLN B 215 5.93 -31.02 -2.49
C GLN B 215 5.87 -31.82 -3.79
N VAL B 216 4.91 -31.56 -4.69
CA VAL B 216 4.83 -32.26 -5.97
C VAL B 216 6.06 -32.00 -6.84
N LEU B 217 6.50 -30.75 -6.93
CA LEU B 217 7.69 -30.39 -7.70
C LEU B 217 8.96 -31.04 -7.12
N LEU B 218 9.13 -31.01 -5.80
CA LEU B 218 10.23 -31.69 -5.13
C LEU B 218 10.23 -33.17 -5.51
N LEU B 219 9.08 -33.82 -5.36
CA LEU B 219 8.98 -35.25 -5.53
C LEU B 219 9.21 -35.70 -6.97
N GLN B 220 8.65 -34.98 -7.95
CA GLN B 220 8.93 -35.23 -9.36
C GLN B 220 10.40 -35.00 -9.70
N SER B 221 10.96 -33.88 -9.27
CA SER B 221 12.34 -33.51 -9.57
C SER B 221 13.31 -34.55 -9.03
N ARG B 222 13.14 -34.97 -7.78
CA ARG B 222 13.97 -36.01 -7.17
C ARG B 222 13.87 -37.33 -7.94
N ASP B 223 12.68 -37.73 -8.34
CA ASP B 223 12.50 -38.95 -9.13
C ASP B 223 13.18 -38.90 -10.49
N LEU B 224 13.04 -37.80 -11.25
CA LEU B 224 13.71 -37.66 -12.53
C LEU B 224 15.24 -37.77 -12.39
N ASP B 225 15.81 -37.15 -11.36
CA ASP B 225 17.25 -37.22 -11.11
C ASP B 225 17.70 -38.63 -10.70
N LEU B 226 16.91 -39.36 -9.92
CA LEU B 226 17.21 -40.76 -9.60
C LEU B 226 17.06 -41.67 -10.83
N GLU B 227 16.06 -41.48 -11.69
CA GLU B 227 15.94 -42.24 -12.93
C GLU B 227 17.11 -42.00 -13.88
N ALA B 228 17.54 -40.73 -14.03
CA ALA B 228 18.72 -40.40 -14.83
C ALA B 228 19.99 -41.05 -14.26
N SER B 229 20.18 -40.98 -12.94
CA SER B 229 21.31 -41.63 -12.27
C SER B 229 21.30 -43.15 -12.47
N ALA B 230 20.14 -43.81 -12.29
CA ALA B 230 20.01 -45.25 -12.44
C ALA B 230 20.29 -45.74 -13.87
N ALA B 231 20.01 -44.93 -14.90
CA ALA B 231 20.40 -45.22 -16.27
C ALA B 231 21.92 -45.03 -16.49
N ALA B 232 22.49 -43.94 -15.98
CA ALA B 232 23.91 -43.61 -16.15
C ALA B 232 24.86 -44.59 -15.42
N HIS B 233 24.48 -45.03 -14.22
CA HIS B 233 25.15 -46.03 -13.37
C HIS B 233 26.69 -46.02 -13.49
N ASP C 9 -37.16 29.92 -4.92
CA ASP C 9 -35.94 29.79 -4.10
C ASP C 9 -36.00 28.53 -3.23
N LEU C 10 -34.95 28.24 -2.44
CA LEU C 10 -34.89 27.12 -1.48
C LEU C 10 -35.12 25.74 -2.13
N SER C 11 -34.46 25.50 -3.25
CA SER C 11 -34.42 24.21 -3.96
C SER C 11 -33.08 24.10 -4.70
N VAL C 12 -32.62 22.89 -5.05
CA VAL C 12 -31.26 22.72 -5.59
C VAL C 12 -31.01 23.53 -6.86
N TRP C 13 -31.98 23.61 -7.77
CA TRP C 13 -31.85 24.46 -8.95
C TRP C 13 -31.98 25.95 -8.61
N GLY C 14 -32.95 26.33 -7.80
CA GLY C 14 -33.16 27.73 -7.43
C GLY C 14 -31.98 28.32 -6.66
N MET C 15 -31.29 27.51 -5.87
CA MET C 15 -30.09 27.92 -5.15
C MET C 15 -28.85 27.90 -6.06
N TYR C 16 -28.73 26.96 -7.00
CA TYR C 16 -27.73 27.06 -8.07
C TYR C 16 -27.89 28.36 -8.88
N GLN C 17 -29.12 28.74 -9.22
CA GLN C 17 -29.40 30.00 -9.90
C GLN C 17 -28.92 31.21 -9.09
N HIS C 18 -29.16 31.20 -7.77
CA HIS C 18 -28.80 32.34 -6.88
C HIS C 18 -27.53 32.00 -6.11
N ALA C 19 -26.47 31.59 -6.83
CA ALA C 19 -25.19 31.24 -6.19
C ALA C 19 -24.10 32.22 -6.65
N ASP C 20 -22.84 31.95 -6.26
CA ASP C 20 -21.71 32.82 -6.66
C ASP C 20 -21.05 32.27 -7.92
N ILE C 21 -20.60 33.14 -8.81
CA ILE C 21 -19.98 32.70 -10.09
C ILE C 21 -18.97 31.57 -9.80
N VAL C 22 -18.14 31.74 -8.78
CA VAL C 22 -17.10 30.72 -8.54
C VAL C 22 -17.72 29.42 -8.07
N VAL C 23 -18.73 29.48 -7.21
CA VAL C 23 -19.51 28.30 -6.81
C VAL C 23 -20.24 27.71 -8.01
N LYS C 24 -20.75 28.53 -8.92
CA LYS C 24 -21.37 27.97 -10.14
C LYS C 24 -20.32 27.17 -10.95
N CYS C 25 -19.14 27.74 -11.18
CA CYS C 25 -18.07 27.09 -12.01
C CYS C 25 -17.54 25.83 -11.34
N VAL C 26 -17.55 25.78 -9.96
CA VAL C 26 -17.32 24.51 -9.26
C VAL C 26 -18.44 23.52 -9.56
N MET C 27 -19.71 23.88 -9.37
CA MET C 27 -20.80 22.95 -9.64
C MET C 27 -20.80 22.46 -11.10
N ILE C 28 -20.58 23.35 -12.07
CA ILE C 28 -20.44 22.95 -13.48
C ILE C 28 -19.22 22.04 -13.68
N GLY C 29 -18.06 22.39 -13.15
CA GLY C 29 -16.85 21.57 -13.30
C GLY C 29 -17.00 20.18 -12.72
N LEU C 30 -17.71 20.05 -11.60
CA LEU C 30 -18.04 18.78 -10.98
C LEU C 30 -19.03 17.97 -11.82
N ILE C 31 -20.07 18.58 -12.36
CA ILE C 31 -21.01 17.87 -13.24
C ILE C 31 -20.29 17.36 -14.49
N LEU C 32 -19.40 18.14 -15.08
CA LEU C 32 -18.57 17.68 -16.20
C LEU C 32 -17.68 16.49 -15.79
N ALA C 33 -17.01 16.55 -14.64
CA ALA C 33 -16.24 15.42 -14.16
C ALA C 33 -17.11 14.17 -13.91
N SER C 34 -18.34 14.35 -13.44
CA SER C 34 -19.28 13.24 -13.28
C SER C 34 -19.64 12.62 -14.63
N VAL C 35 -20.04 13.42 -15.63
CA VAL C 35 -20.44 12.84 -16.92
C VAL C 35 -19.26 12.19 -17.64
N VAL C 36 -18.04 12.73 -17.52
CA VAL C 36 -16.84 12.05 -18.01
C VAL C 36 -16.63 10.72 -17.29
N THR C 37 -16.85 10.64 -15.98
CA THR C 37 -16.72 9.39 -15.23
C THR C 37 -17.69 8.33 -15.73
N TRP C 38 -18.92 8.68 -16.04
CA TRP C 38 -19.86 7.72 -16.62
C TRP C 38 -19.56 7.40 -18.08
N ALA C 39 -19.13 8.37 -18.88
CA ALA C 39 -18.77 8.13 -20.26
C ALA C 39 -17.60 7.13 -20.38
N ILE C 40 -16.54 7.32 -19.60
CA ILE C 40 -15.41 6.40 -19.59
C ILE C 40 -15.82 5.04 -19.01
N PHE C 41 -16.70 4.99 -18.01
CA PHE C 41 -17.18 3.72 -17.48
C PHE C 41 -17.90 2.86 -18.51
N PHE C 42 -18.88 3.41 -19.23
CA PHE C 42 -19.57 2.63 -20.25
C PHE C 42 -18.62 2.22 -21.37
N SER C 43 -17.80 3.15 -21.88
CA SER C 43 -16.86 2.86 -22.96
C SER C 43 -15.88 1.74 -22.60
N LYS C 44 -15.20 1.87 -21.46
CA LYS C 44 -14.21 0.86 -21.00
C LYS C 44 -14.87 -0.46 -20.66
N SER C 45 -16.02 -0.45 -19.99
CA SER C 45 -16.69 -1.70 -19.61
C SER C 45 -17.11 -2.51 -20.83
N VAL C 46 -17.66 -1.85 -21.85
CA VAL C 46 -18.04 -2.50 -23.11
C VAL C 46 -16.82 -3.04 -23.85
N GLU C 47 -15.67 -2.38 -23.78
CA GLU C 47 -14.44 -2.93 -24.34
C GLU C 47 -13.93 -4.15 -23.55
N PHE C 48 -13.84 -4.06 -22.22
CA PHE C 48 -13.34 -5.18 -21.42
C PHE C 48 -14.23 -6.40 -21.54
N PHE C 49 -15.55 -6.24 -21.53
CA PHE C 49 -16.44 -7.37 -21.69
C PHE C 49 -16.23 -8.06 -23.04
N ASN C 50 -16.04 -7.30 -24.12
CA ASN C 50 -15.74 -7.88 -25.42
C ASN C 50 -14.37 -8.55 -25.49
N GLN C 51 -13.35 -7.96 -24.86
CA GLN C 51 -11.96 -8.52 -24.87
C GLN C 51 -11.88 -9.79 -24.00
N LYS C 52 -12.57 -9.83 -22.87
CA LYS C 52 -12.68 -11.03 -22.02
C LYS C 52 -13.49 -12.12 -22.71
N ARG C 53 -14.67 -11.80 -23.23
CA ARG C 53 -15.52 -12.77 -23.95
C ARG C 53 -14.79 -13.39 -25.13
N ARG C 54 -14.02 -12.59 -25.88
CA ARG C 54 -13.17 -13.09 -26.96
C ARG C 54 -12.09 -14.02 -26.43
N LEU C 55 -11.22 -13.53 -25.56
CA LEU C 55 -10.06 -14.28 -25.08
C LEU C 55 -10.46 -15.60 -24.42
N LYS C 56 -11.57 -15.63 -23.68
CA LYS C 56 -12.12 -16.87 -23.13
C LYS C 56 -12.36 -17.90 -24.23
N ARG C 57 -12.98 -17.51 -25.34
CA ARG C 57 -13.20 -18.41 -26.47
C ARG C 57 -11.89 -18.83 -27.14
N GLU C 58 -10.92 -17.92 -27.29
CA GLU C 58 -9.61 -18.30 -27.82
C GLU C 58 -8.93 -19.35 -26.93
N GLN C 59 -8.98 -19.18 -25.61
CA GLN C 59 -8.39 -20.13 -24.69
C GLN C 59 -9.12 -21.48 -24.75
N GLN C 60 -10.44 -21.50 -24.79
CA GLN C 60 -11.20 -22.75 -24.89
C GLN C 60 -10.86 -23.54 -26.17
N LEU C 61 -10.49 -22.87 -27.26
CA LEU C 61 -9.96 -23.54 -28.46
C LEU C 61 -8.51 -24.00 -28.24
N LEU C 62 -7.59 -23.10 -27.90
CA LEU C 62 -6.16 -23.43 -27.79
C LEU C 62 -5.84 -24.42 -26.66
N ALA C 63 -6.72 -24.58 -25.67
CA ALA C 63 -6.58 -25.62 -24.65
C ALA C 63 -6.59 -27.03 -25.23
N GLU C 64 -7.12 -27.23 -26.44
CA GLU C 64 -7.11 -28.50 -27.14
C GLU C 64 -5.82 -28.74 -27.93
N ALA C 65 -5.02 -27.70 -28.20
CA ALA C 65 -3.80 -27.83 -29.00
C ALA C 65 -2.73 -28.67 -28.30
N ARG C 66 -1.95 -29.42 -29.07
CA ARG C 66 -0.93 -30.36 -28.58
C ARG C 66 0.46 -30.17 -29.20
N SER C 67 0.57 -29.32 -30.22
CA SER C 67 1.82 -28.88 -30.84
C SER C 67 1.69 -27.43 -31.31
N LEU C 68 2.79 -26.73 -31.50
CA LEU C 68 2.77 -25.34 -31.93
C LEU C 68 2.24 -25.19 -33.36
N ASN C 69 2.57 -26.12 -34.26
CA ASN C 69 2.00 -26.14 -35.61
C ASN C 69 0.48 -26.34 -35.58
N GLN C 70 -0.02 -27.22 -34.72
CA GLN C 70 -1.47 -27.38 -34.54
C GLN C 70 -2.09 -26.11 -33.94
N ALA C 71 -1.40 -25.42 -33.03
CA ALA C 71 -1.89 -24.16 -32.47
C ALA C 71 -2.00 -23.07 -33.54
N ASN C 72 -1.02 -22.96 -34.45
CA ASN C 72 -1.11 -22.04 -35.58
C ASN C 72 -2.29 -22.37 -36.51
N ASP C 73 -2.54 -23.65 -36.78
CA ASP C 73 -3.68 -24.09 -37.58
C ASP C 73 -5.01 -23.74 -36.89
N ILE C 74 -5.15 -24.03 -35.60
CA ILE C 74 -6.33 -23.66 -34.79
C ILE C 74 -6.55 -22.15 -34.77
N ALA C 75 -5.48 -21.37 -34.64
CA ALA C 75 -5.56 -19.91 -34.59
C ALA C 75 -5.79 -19.24 -35.95
N ALA C 76 -5.71 -19.98 -37.06
CA ALA C 76 -5.61 -19.39 -38.40
C ALA C 76 -6.80 -18.52 -38.81
N ASP C 77 -7.95 -18.73 -38.16
CA ASP C 77 -9.19 -17.99 -38.56
C ASP C 77 -9.53 -16.89 -37.54
N PHE C 78 -8.81 -16.86 -36.41
CA PHE C 78 -9.09 -15.86 -35.35
C PHE C 78 -8.97 -14.47 -35.95
N GLY C 79 -9.65 -13.50 -35.34
CA GLY C 79 -9.63 -12.12 -35.85
C GLY C 79 -8.22 -11.56 -35.87
N SER C 80 -7.90 -10.74 -36.87
CA SER C 80 -6.56 -10.13 -36.97
C SER C 80 -6.16 -9.49 -35.64
N LYS C 81 -7.02 -8.64 -35.08
CA LYS C 81 -6.66 -7.92 -33.86
C LYS C 81 -6.76 -8.75 -32.55
N SER C 82 -6.94 -10.07 -32.63
CA SER C 82 -7.04 -10.92 -31.44
C SER C 82 -5.70 -11.06 -30.71
N LEU C 83 -5.73 -11.06 -29.37
CA LEU C 83 -4.53 -11.11 -28.55
C LEU C 83 -3.80 -12.45 -28.67
N SER C 84 -4.53 -13.57 -28.72
CA SER C 84 -3.91 -14.89 -28.84
C SER C 84 -3.21 -15.06 -30.18
N LEU C 85 -3.84 -14.59 -31.24
CA LEU C 85 -3.19 -14.65 -32.58
C LEU C 85 -1.87 -13.87 -32.52
N HIS C 86 -1.90 -12.69 -31.91
CA HIS C 86 -0.68 -11.84 -31.83
C HIS C 86 0.43 -12.65 -31.15
N LEU C 87 0.11 -13.28 -30.03
CA LEU C 87 1.14 -14.02 -29.26
C LEU C 87 1.65 -15.20 -30.11
N LEU C 88 0.75 -15.96 -30.72
CA LEU C 88 1.22 -17.06 -31.57
C LEU C 88 2.18 -16.54 -32.65
N ASN C 89 1.86 -15.40 -33.28
CA ASN C 89 2.78 -14.77 -34.22
C ASN C 89 4.06 -14.32 -33.52
N GLU C 90 4.00 -13.80 -32.30
CA GLU C 90 5.19 -13.40 -31.54
C GLU C 90 6.17 -14.57 -31.34
N ALA C 91 5.65 -15.73 -30.92
CA ALA C 91 6.46 -16.92 -30.74
C ALA C 91 7.00 -17.46 -32.06
N GLN C 92 6.17 -17.55 -33.09
CA GLN C 92 6.61 -18.06 -34.39
C GLN C 92 7.63 -17.11 -35.05
N ASN C 93 7.49 -15.80 -34.88
CA ASN C 93 8.42 -14.82 -35.42
C ASN C 93 9.82 -15.01 -34.82
N GLU C 94 9.94 -15.22 -33.51
CA GLU C 94 11.25 -15.49 -32.92
C GLU C 94 11.86 -16.78 -33.46
N LEU C 95 11.03 -17.79 -33.69
CA LEU C 95 11.46 -19.09 -34.20
C LEU C 95 12.00 -19.01 -35.63
N GLU C 96 11.49 -18.13 -36.48
CA GLU C 96 12.06 -17.92 -37.83
C GLU C 96 13.19 -16.88 -37.87
N LEU C 97 13.15 -15.84 -37.04
CA LEU C 97 14.28 -14.89 -36.91
C LEU C 97 15.55 -15.58 -36.41
N SER C 98 15.40 -16.64 -35.63
CA SER C 98 16.51 -17.41 -35.06
C SER C 98 16.95 -18.61 -35.89
N GLU C 99 16.47 -18.78 -37.14
CA GLU C 99 16.52 -20.05 -37.88
C GLU C 99 17.89 -20.73 -37.94
N GLY C 100 18.98 -19.97 -38.03
CA GLY C 100 20.33 -20.53 -38.14
C GLY C 100 20.92 -21.15 -36.87
N SER C 101 20.31 -20.97 -35.69
CA SER C 101 20.92 -21.36 -34.41
C SER C 101 20.41 -22.68 -33.87
N ASP C 102 21.31 -23.58 -33.46
CA ASP C 102 20.94 -24.82 -32.77
C ASP C 102 20.83 -24.68 -31.23
N ASP C 103 21.12 -23.50 -30.67
CA ASP C 103 20.93 -23.22 -29.23
C ASP C 103 19.44 -23.09 -28.90
N ASN C 104 18.84 -24.21 -28.48
CA ASN C 104 17.37 -24.21 -28.21
C ASN C 104 17.08 -23.31 -27.00
N GLU C 105 17.87 -23.44 -25.94
CA GLU C 105 17.60 -22.64 -24.71
C GLU C 105 17.50 -21.17 -25.12
N GLY C 106 18.44 -20.71 -25.94
CA GLY C 106 18.35 -19.32 -26.44
C GLY C 106 16.95 -19.05 -26.95
N ILE C 107 16.49 -19.88 -27.89
CA ILE C 107 15.17 -19.62 -28.49
C ILE C 107 14.10 -19.55 -27.41
N LYS C 108 14.08 -20.49 -26.45
CA LYS C 108 13.13 -20.46 -25.34
C LYS C 108 13.25 -19.17 -24.55
N GLU C 109 14.46 -18.77 -24.22
CA GLU C 109 14.71 -17.56 -23.43
C GLU C 109 14.23 -16.30 -24.16
N ARG C 110 14.64 -16.10 -25.41
CA ARG C 110 14.21 -14.93 -26.17
C ARG C 110 12.70 -14.91 -26.37
N THR C 111 12.09 -16.07 -26.63
CA THR C 111 10.63 -16.15 -26.78
C THR C 111 9.92 -15.82 -25.48
N SER C 112 10.35 -16.40 -24.37
CA SER C 112 9.80 -16.10 -23.05
C SER C 112 9.87 -14.61 -22.74
N PHE C 113 11.01 -14.00 -23.00
CA PHE C 113 11.20 -12.57 -22.77
C PHE C 113 10.26 -11.72 -23.63
N ARG C 114 10.16 -12.00 -24.93
CA ARG C 114 9.22 -11.27 -25.82
C ARG C 114 7.77 -11.39 -25.36
N LEU C 115 7.32 -12.62 -25.10
CA LEU C 115 5.90 -12.81 -24.71
C LEU C 115 5.63 -12.02 -23.43
N GLU C 116 6.58 -12.06 -22.49
CA GLU C 116 6.38 -11.36 -21.20
C GLU C 116 6.11 -9.87 -21.48
N ARG C 117 6.96 -9.24 -22.28
CA ARG C 117 6.80 -7.79 -22.55
C ARG C 117 5.43 -7.57 -23.21
N ARG C 118 5.13 -8.35 -24.25
CA ARG C 118 3.86 -8.13 -24.99
C ARG C 118 2.68 -8.27 -24.02
N VAL C 119 2.71 -9.25 -23.12
CA VAL C 119 1.60 -9.32 -22.14
C VAL C 119 1.55 -8.06 -21.29
N ALA C 120 2.69 -7.57 -20.80
CA ALA C 120 2.71 -6.34 -20.02
C ALA C 120 2.22 -5.14 -20.84
N ALA C 121 2.65 -5.03 -22.10
CA ALA C 121 2.20 -3.98 -23.01
C ALA C 121 0.70 -4.00 -23.25
N VAL C 122 0.09 -5.17 -23.50
CA VAL C 122 -1.37 -5.27 -23.65
C VAL C 122 -2.07 -4.85 -22.36
N GLY C 123 -1.62 -5.32 -21.21
CA GLY C 123 -2.19 -4.93 -19.92
C GLY C 123 -2.12 -3.43 -19.67
N ARG C 124 -0.99 -2.80 -20.00
CA ARG C 124 -0.81 -1.35 -19.88
C ARG C 124 -1.67 -0.58 -20.87
N GLN C 125 -1.76 -1.01 -22.12
CA GLN C 125 -2.61 -0.36 -23.13
C GLN C 125 -4.09 -0.45 -22.76
N MET C 126 -4.53 -1.56 -22.20
CA MET C 126 -5.90 -1.76 -21.72
C MET C 126 -6.27 -0.79 -20.57
N GLY C 127 -5.28 -0.29 -19.84
CA GLY C 127 -5.44 0.67 -18.75
C GLY C 127 -5.37 2.16 -19.17
N ARG C 128 -5.41 2.48 -20.46
CA ARG C 128 -5.12 3.83 -21.01
C ARG C 128 -5.76 5.00 -20.25
N GLY C 129 -7.08 4.98 -20.11
CA GLY C 129 -7.84 6.12 -19.60
C GLY C 129 -7.90 6.26 -18.07
N ASN C 130 -7.41 5.31 -17.29
CA ASN C 130 -7.64 5.27 -15.85
C ASN C 130 -7.12 6.51 -15.09
N GLY C 131 -6.15 7.23 -15.62
CA GLY C 131 -5.65 8.45 -14.99
C GLY C 131 -6.72 9.53 -14.77
N TYR C 132 -7.72 9.61 -15.65
CA TYR C 132 -8.88 10.46 -15.43
C TYR C 132 -9.68 10.01 -14.21
N LEU C 133 -9.98 8.73 -14.09
CA LEU C 133 -10.74 8.21 -12.94
C LEU C 133 -9.97 8.41 -11.64
N ALA C 134 -8.66 8.15 -11.62
CA ALA C 134 -7.85 8.39 -10.43
C ALA C 134 -7.84 9.88 -10.06
N THR C 135 -7.64 10.77 -11.04
CA THR C 135 -7.60 12.21 -10.78
C THR C 135 -8.94 12.69 -10.27
N ILE C 136 -10.05 12.34 -10.92
CA ILE C 136 -11.38 12.78 -10.52
C ILE C 136 -11.68 12.29 -9.11
N GLY C 137 -11.39 11.03 -8.79
CA GLY C 137 -11.61 10.49 -7.45
C GLY C 137 -10.80 11.19 -6.37
N ALA C 138 -9.54 11.52 -6.63
CA ALA C 138 -8.70 12.20 -5.66
C ALA C 138 -9.05 13.69 -5.51
N ILE C 139 -9.37 14.36 -6.62
CA ILE C 139 -9.52 15.82 -6.66
C ILE C 139 -10.91 16.32 -6.36
N SER C 140 -11.97 15.61 -6.76
CA SER C 140 -13.30 16.19 -6.74
C SER C 140 -13.83 16.53 -5.34
N PRO C 141 -13.48 15.81 -4.25
CA PRO C 141 -13.76 16.29 -2.90
C PRO C 141 -13.11 17.64 -2.62
N PHE C 142 -11.83 17.77 -2.94
CA PHE C 142 -11.09 19.04 -2.68
C PHE C 142 -11.84 20.21 -3.34
N VAL C 143 -12.06 20.14 -4.66
CA VAL C 143 -12.69 21.28 -5.39
C VAL C 143 -14.12 21.49 -4.85
N GLY C 144 -14.90 20.42 -4.70
CA GLY C 144 -16.25 20.56 -4.10
C GLY C 144 -16.16 21.34 -2.80
N LEU C 145 -15.14 21.05 -1.99
CA LEU C 145 -14.92 21.77 -0.74
C LEU C 145 -14.43 23.19 -0.98
N PHE C 146 -13.63 23.46 -2.00
CA PHE C 146 -13.28 24.83 -2.37
C PHE C 146 -14.55 25.63 -2.70
N GLY C 147 -15.53 25.00 -3.35
CA GLY C 147 -16.87 25.58 -3.51
C GLY C 147 -17.52 25.92 -2.18
N THR C 148 -17.48 25.03 -1.19
CA THR C 148 -18.05 25.34 0.13
C THR C 148 -17.35 26.52 0.80
N VAL C 149 -16.02 26.51 0.83
CA VAL C 149 -15.24 27.50 1.57
C VAL C 149 -15.42 28.86 0.94
N TRP C 150 -15.34 28.97 -0.38
CA TRP C 150 -15.56 30.22 -1.08
C TRP C 150 -16.99 30.75 -0.90
N GLY C 151 -17.99 29.86 -0.94
CA GLY C 151 -19.38 30.26 -0.69
C GLY C 151 -19.61 30.77 0.73
N ILE C 152 -18.97 30.16 1.72
CA ILE C 152 -19.02 30.65 3.10
C ILE C 152 -18.28 32.00 3.18
N MET C 153 -17.08 32.12 2.64
CA MET C 153 -16.34 33.38 2.61
C MET C 153 -17.14 34.53 2.00
N ASN C 154 -17.61 34.38 0.76
CA ASN C 154 -18.29 35.46 0.05
C ASN C 154 -19.68 35.80 0.63
N SER C 155 -20.22 34.99 1.53
CA SER C 155 -21.40 35.36 2.33
C SER C 155 -21.03 35.96 3.69
N PHE C 156 -20.02 35.44 4.39
CA PHE C 156 -19.60 36.00 5.68
C PHE C 156 -18.91 37.35 5.56
N ILE C 157 -18.16 37.61 4.50
CA ILE C 157 -17.64 38.96 4.20
C ILE C 157 -18.79 39.97 3.98
N GLY C 158 -19.98 39.52 3.57
CA GLY C 158 -21.17 40.35 3.48
C GLY C 158 -21.73 40.71 4.86
N ILE C 159 -21.89 39.73 5.75
CA ILE C 159 -22.39 40.00 7.11
C ILE C 159 -21.39 40.79 7.95
N ALA C 160 -20.08 40.63 7.72
CA ALA C 160 -19.06 41.41 8.41
C ALA C 160 -19.19 42.92 8.15
N GLN C 161 -19.62 43.26 6.94
CA GLN C 161 -19.82 44.69 6.59
C GLN C 161 -21.27 45.10 6.89
N THR C 162 -22.22 44.18 6.79
CA THR C 162 -23.66 44.56 6.97
C THR C 162 -24.06 44.42 8.42
N GLN C 163 -23.14 44.02 9.30
CA GLN C 163 -23.45 43.93 10.74
C GLN C 163 -24.77 43.16 10.95
N THR C 164 -24.87 41.95 10.41
CA THR C 164 -26.11 41.15 10.54
C THR C 164 -26.14 40.45 11.87
N THR C 165 -27.30 39.94 12.27
CA THR C 165 -27.43 39.19 13.54
C THR C 165 -28.21 37.91 13.31
N ASN C 166 -29.09 37.89 12.30
CA ASN C 166 -29.97 36.71 12.07
C ASN C 166 -29.23 35.66 11.24
N LEU C 167 -28.96 34.48 11.82
CA LEU C 167 -28.32 33.39 11.06
C LEU C 167 -29.13 33.16 9.78
N ALA C 168 -30.42 33.45 9.82
CA ALA C 168 -31.27 33.18 8.63
C ALA C 168 -30.76 33.96 7.43
N VAL C 169 -30.31 35.20 7.62
CA VAL C 169 -29.89 36.04 6.46
C VAL C 169 -28.72 35.37 5.74
N VAL C 170 -28.01 34.47 6.41
CA VAL C 170 -26.83 33.82 5.82
C VAL C 170 -27.05 32.32 5.58
N ALA C 171 -28.07 31.71 6.21
CA ALA C 171 -28.47 30.33 5.94
C ALA C 171 -28.65 29.99 4.45
N PRO C 172 -29.24 30.84 3.58
CA PRO C 172 -29.28 30.58 2.14
C PRO C 172 -27.90 30.38 1.53
N GLY C 173 -26.94 31.24 1.87
CA GLY C 173 -25.57 31.12 1.41
C GLY C 173 -24.90 29.84 1.91
N ILE C 174 -25.13 29.49 3.18
CA ILE C 174 -24.57 28.27 3.75
C ILE C 174 -25.15 27.03 3.05
N ALA C 175 -26.46 27.00 2.76
CA ALA C 175 -27.05 25.92 2.00
C ALA C 175 -26.44 25.81 0.59
N GLU C 176 -26.34 26.93 -0.13
CA GLU C 176 -25.68 26.97 -1.44
C GLU C 176 -24.22 26.49 -1.36
N ALA C 177 -23.52 26.83 -0.27
CA ALA C 177 -22.17 26.36 -0.05
C ALA C 177 -22.14 24.85 0.17
N LEU C 178 -22.90 24.30 1.11
CA LEU C 178 -22.90 22.88 1.44
C LEU C 178 -23.30 22.01 0.24
N LEU C 179 -24.18 22.50 -0.65
CA LEU C 179 -24.49 21.81 -1.88
C LEU C 179 -23.25 21.52 -2.72
N ALA C 180 -22.23 22.40 -2.71
CA ALA C 180 -21.02 22.16 -3.47
C ALA C 180 -20.23 20.94 -2.96
N THR C 181 -20.21 20.66 -1.65
CA THR C 181 -19.57 19.41 -1.19
C THR C 181 -20.46 18.19 -1.41
N ALA C 182 -21.79 18.32 -1.34
CA ALA C 182 -22.69 17.24 -1.72
C ALA C 182 -22.42 16.80 -3.17
N ILE C 183 -22.39 17.75 -4.10
CA ILE C 183 -22.01 17.51 -5.49
C ILE C 183 -20.58 16.99 -5.59
N GLY C 184 -19.67 17.47 -4.74
CA GLY C 184 -18.29 16.99 -4.61
C GLY C 184 -18.20 15.48 -4.42
N LEU C 185 -18.86 14.94 -3.40
CA LEU C 185 -18.87 13.51 -3.14
C LEU C 185 -19.60 12.73 -4.24
N VAL C 186 -20.66 13.29 -4.83
CA VAL C 186 -21.39 12.64 -5.92
C VAL C 186 -20.52 12.44 -7.17
N ALA C 187 -19.55 13.31 -7.44
CA ALA C 187 -18.55 13.02 -8.46
C ALA C 187 -17.45 12.07 -7.97
N ALA C 188 -17.05 12.17 -6.70
CA ALA C 188 -15.91 11.42 -6.16
C ALA C 188 -16.17 9.92 -6.04
N ILE C 189 -17.29 9.54 -5.44
CA ILE C 189 -17.54 8.17 -5.04
C ILE C 189 -17.65 7.25 -6.25
N PRO C 190 -18.42 7.56 -7.32
CA PRO C 190 -18.39 6.77 -8.54
C PRO C 190 -16.98 6.63 -9.11
N ALA C 191 -16.18 7.69 -9.16
CA ALA C 191 -14.84 7.62 -9.73
C ALA C 191 -13.93 6.68 -8.93
N VAL C 192 -13.97 6.70 -7.60
CA VAL C 192 -13.20 5.75 -6.79
C VAL C 192 -13.69 4.32 -6.97
N VAL C 193 -15.01 4.10 -6.93
CA VAL C 193 -15.59 2.77 -7.13
C VAL C 193 -15.17 2.21 -8.48
N ILE C 194 -15.32 2.99 -9.54
CA ILE C 194 -15.00 2.55 -10.89
C ILE C 194 -13.49 2.33 -11.08
N TYR C 195 -12.63 3.19 -10.53
CA TYR C 195 -11.19 2.96 -10.60
C TYR C 195 -10.79 1.64 -9.92
N ASN C 196 -11.33 1.36 -8.73
CA ASN C 196 -11.07 0.10 -8.06
C ASN C 196 -11.63 -1.09 -8.86
N VAL C 197 -12.80 -0.98 -9.48
CA VAL C 197 -13.31 -2.04 -10.36
C VAL C 197 -12.40 -2.28 -11.54
N PHE C 198 -11.99 -1.26 -12.28
CA PHE C 198 -11.12 -1.46 -13.44
C PHE C 198 -9.74 -1.95 -13.06
N ALA C 199 -9.19 -1.58 -11.90
CA ALA C 199 -7.94 -2.18 -11.43
C ALA C 199 -8.07 -3.70 -11.25
N ARG C 200 -9.20 -4.17 -10.71
CA ARG C 200 -9.47 -5.60 -10.56
C ARG C 200 -9.72 -6.28 -11.90
N GLN C 201 -10.46 -5.64 -12.80
CA GLN C 201 -10.69 -6.18 -14.14
C GLN C 201 -9.38 -6.35 -14.92
N ILE C 202 -8.51 -5.34 -14.92
CA ILE C 202 -7.21 -5.42 -15.61
C ILE C 202 -6.34 -6.48 -14.97
N GLY C 203 -6.28 -6.59 -13.64
CA GLY C 203 -5.54 -7.66 -12.97
C GLY C 203 -6.02 -9.05 -13.41
N GLY C 204 -7.34 -9.27 -13.43
CA GLY C 204 -7.93 -10.52 -13.89
C GLY C 204 -7.64 -10.82 -15.35
N PHE C 205 -7.83 -9.84 -16.24
CA PHE C 205 -7.56 -10.03 -17.67
C PHE C 205 -6.08 -10.22 -17.95
N LYS C 206 -5.18 -9.45 -17.33
CA LYS C 206 -3.73 -9.58 -17.53
C LYS C 206 -3.25 -10.95 -17.05
N ALA C 207 -3.80 -11.47 -15.95
CA ALA C 207 -3.53 -12.84 -15.53
C ALA C 207 -4.04 -13.87 -16.52
N MET C 208 -5.26 -13.73 -17.02
CA MET C 208 -5.82 -14.62 -18.03
C MET C 208 -5.05 -14.58 -19.35
N LEU C 209 -4.58 -13.42 -19.78
CA LEU C 209 -3.73 -13.30 -20.95
C LEU C 209 -2.36 -13.93 -20.69
N GLY C 210 -1.80 -13.76 -19.49
CA GLY C 210 -0.59 -14.46 -19.08
C GLY C 210 -0.75 -15.98 -19.11
N ASP C 211 -1.95 -16.49 -18.85
CA ASP C 211 -2.26 -17.92 -18.98
C ASP C 211 -2.21 -18.38 -20.45
N VAL C 212 -2.80 -17.60 -21.37
CA VAL C 212 -2.71 -17.88 -22.81
C VAL C 212 -1.27 -17.73 -23.31
N ALA C 213 -0.49 -16.79 -22.78
CA ALA C 213 0.94 -16.70 -23.08
C ALA C 213 1.70 -17.92 -22.57
N ALA C 214 1.38 -18.43 -21.37
CA ALA C 214 1.99 -19.64 -20.88
C ALA C 214 1.67 -20.85 -21.76
N GLN C 215 0.46 -20.90 -22.32
CA GLN C 215 0.03 -22.04 -23.18
C GLN C 215 0.90 -22.10 -24.45
N VAL C 216 1.18 -20.97 -25.11
CA VAL C 216 2.05 -20.95 -26.29
C VAL C 216 3.51 -21.18 -25.92
N LEU C 217 3.98 -20.61 -24.82
CA LEU C 217 5.36 -20.79 -24.38
C LEU C 217 5.64 -22.28 -24.06
N LEU C 218 4.73 -22.95 -23.36
CA LEU C 218 4.82 -24.38 -23.10
C LEU C 218 4.82 -25.18 -24.39
N LEU C 219 3.91 -24.90 -25.33
CA LEU C 219 3.85 -25.61 -26.61
C LEU C 219 5.17 -25.50 -27.38
N GLN C 220 5.78 -24.31 -27.41
CA GLN C 220 7.08 -24.13 -28.05
C GLN C 220 8.17 -24.92 -27.32
N SER C 221 8.30 -24.76 -26.00
CA SER C 221 9.36 -25.41 -25.23
C SER C 221 9.26 -26.95 -25.34
N ARG C 222 8.04 -27.49 -25.34
CA ARG C 222 7.77 -28.91 -25.59
C ARG C 222 8.26 -29.36 -26.97
N ASP C 223 7.86 -28.66 -28.02
CA ASP C 223 8.20 -29.07 -29.38
C ASP C 223 9.70 -28.95 -29.68
N LEU C 224 10.39 -27.96 -29.10
CA LEU C 224 11.84 -27.85 -29.25
C LEU C 224 12.55 -29.07 -28.64
N ASP C 225 12.18 -29.48 -27.44
CA ASP C 225 12.78 -30.67 -26.80
C ASP C 225 12.45 -31.96 -27.56
N LEU C 226 11.21 -32.13 -28.02
CA LEU C 226 10.82 -33.29 -28.82
C LEU C 226 11.60 -33.33 -30.15
N GLU C 227 11.74 -32.19 -30.84
CA GLU C 227 12.48 -32.15 -32.10
C GLU C 227 13.98 -32.40 -31.88
N ALA C 228 14.57 -31.86 -30.81
CA ALA C 228 15.95 -32.13 -30.45
C ALA C 228 16.19 -33.63 -30.18
N SER C 229 15.29 -34.28 -29.44
CA SER C 229 15.36 -35.73 -29.22
C SER C 229 15.24 -36.52 -30.52
N ALA C 230 14.32 -36.13 -31.41
CA ALA C 230 14.17 -36.77 -32.72
C ALA C 230 15.44 -36.64 -33.59
N ALA C 231 16.17 -35.52 -33.49
CA ALA C 231 17.47 -35.35 -34.15
C ALA C 231 18.59 -36.19 -33.50
N ALA C 232 18.60 -36.29 -32.17
CA ALA C 232 19.60 -37.05 -31.41
C ALA C 232 19.44 -38.58 -31.51
N HIS C 233 18.22 -39.04 -31.80
CA HIS C 233 17.91 -40.50 -31.93
C HIS C 233 19.21 -41.27 -32.19
N ASP D 9 -10.53 45.18 6.72
CA ASP D 9 -11.66 45.50 5.82
C ASP D 9 -12.16 44.23 5.13
N LEU D 10 -12.91 44.37 4.03
CA LEU D 10 -13.39 43.26 3.20
C LEU D 10 -12.32 42.52 2.38
N SER D 11 -11.13 43.10 2.21
CA SER D 11 -10.13 42.61 1.24
C SER D 11 -9.34 41.42 1.76
N VAL D 12 -8.98 40.51 0.87
CA VAL D 12 -8.13 39.36 1.17
C VAL D 12 -6.77 39.81 1.73
N TRP D 13 -6.18 40.87 1.16
CA TRP D 13 -4.93 41.44 1.67
C TRP D 13 -5.09 42.04 3.07
N GLY D 14 -6.14 42.83 3.31
CA GLY D 14 -6.37 43.45 4.61
C GLY D 14 -6.60 42.42 5.72
N MET D 15 -7.39 41.38 5.45
CA MET D 15 -7.60 40.31 6.43
C MET D 15 -6.35 39.44 6.61
N TYR D 16 -5.51 39.23 5.59
CA TYR D 16 -4.18 38.66 5.80
C TYR D 16 -3.35 39.53 6.76
N GLN D 17 -3.24 40.84 6.51
CA GLN D 17 -2.48 41.73 7.37
C GLN D 17 -3.01 41.76 8.81
N HIS D 18 -4.31 41.61 9.00
CA HIS D 18 -4.94 41.57 10.32
C HIS D 18 -4.72 40.24 11.05
N ALA D 19 -4.48 39.14 10.34
CA ALA D 19 -4.51 37.80 10.92
C ALA D 19 -3.38 37.52 11.94
N ASP D 20 -3.58 36.50 12.78
CA ASP D 20 -2.61 36.09 13.81
C ASP D 20 -1.27 35.58 13.22
N ILE D 21 -0.17 35.72 13.96
CA ILE D 21 1.19 35.41 13.49
C ILE D 21 1.29 33.97 13.00
N VAL D 22 0.74 33.00 13.75
CA VAL D 22 0.77 31.59 13.38
C VAL D 22 0.05 31.35 12.04
N VAL D 23 -1.15 31.91 11.86
CA VAL D 23 -1.90 31.67 10.63
C VAL D 23 -1.34 32.46 9.44
N LYS D 24 -0.79 33.66 9.64
CA LYS D 24 -0.03 34.36 8.58
C LYS D 24 1.14 33.52 8.12
N CYS D 25 1.89 32.93 9.05
CA CYS D 25 3.01 32.05 8.70
C CYS D 25 2.55 30.82 7.91
N VAL D 26 1.43 30.20 8.29
CA VAL D 26 0.82 29.09 7.54
C VAL D 26 0.42 29.52 6.13
N MET D 27 -0.21 30.68 5.96
CA MET D 27 -0.57 31.18 4.63
C MET D 27 0.67 31.38 3.75
N ILE D 28 1.73 31.99 4.26
CA ILE D 28 2.99 32.14 3.50
C ILE D 28 3.61 30.78 3.18
N GLY D 29 3.64 29.85 4.14
CA GLY D 29 4.15 28.49 3.90
C GLY D 29 3.42 27.79 2.75
N LEU D 30 2.09 27.83 2.73
CA LEU D 30 1.31 27.21 1.66
C LEU D 30 1.44 27.96 0.32
N ILE D 31 1.56 29.29 0.31
CA ILE D 31 1.82 30.03 -0.92
C ILE D 31 3.18 29.64 -1.49
N LEU D 32 4.24 29.53 -0.68
CA LEU D 32 5.53 29.08 -1.19
C LEU D 32 5.46 27.64 -1.71
N ALA D 33 4.70 26.75 -1.08
CA ALA D 33 4.47 25.42 -1.63
C ALA D 33 3.74 25.47 -2.98
N SER D 34 2.73 26.32 -3.09
CA SER D 34 2.06 26.46 -4.42
C SER D 34 3.06 26.91 -5.47
N VAL D 35 3.94 27.86 -5.12
CA VAL D 35 4.93 28.39 -6.10
C VAL D 35 5.85 27.22 -6.52
N VAL D 36 6.42 26.50 -5.55
CA VAL D 36 7.38 25.42 -5.88
C VAL D 36 6.68 24.42 -6.82
N THR D 37 5.48 23.96 -6.45
CA THR D 37 4.73 23.02 -7.30
C THR D 37 4.82 23.49 -8.73
N TRP D 38 4.35 24.70 -9.00
CA TRP D 38 4.37 25.23 -10.36
C TRP D 38 5.78 25.34 -10.93
N ALA D 39 6.78 25.71 -10.13
CA ALA D 39 8.16 25.71 -10.59
C ALA D 39 8.61 24.32 -11.03
N ILE D 40 8.27 23.28 -10.27
CA ILE D 40 8.55 21.89 -10.63
C ILE D 40 7.80 21.50 -11.90
N PHE D 41 6.53 21.84 -12.05
CA PHE D 41 5.78 21.50 -13.25
C PHE D 41 6.39 22.07 -14.52
N PHE D 42 6.68 23.38 -14.57
CA PHE D 42 7.30 23.96 -15.76
C PHE D 42 8.71 23.41 -15.98
N SER D 43 9.52 23.29 -14.93
CA SER D 43 10.89 22.76 -15.03
C SER D 43 10.92 21.33 -15.56
N LYS D 44 10.08 20.44 -15.03
CA LYS D 44 10.02 19.05 -15.50
C LYS D 44 9.41 18.94 -16.88
N SER D 45 8.25 19.54 -17.12
CA SER D 45 7.49 19.28 -18.34
C SER D 45 8.26 19.66 -19.62
N VAL D 46 9.00 20.77 -19.64
CA VAL D 46 9.77 21.17 -20.83
C VAL D 46 10.89 20.19 -21.15
N GLU D 47 11.57 19.64 -20.15
CA GLU D 47 12.62 18.64 -20.34
C GLU D 47 12.02 17.27 -20.68
N PHE D 48 11.04 16.81 -19.89
CA PHE D 48 10.43 15.52 -20.07
C PHE D 48 9.71 15.38 -21.41
N PHE D 49 8.97 16.40 -21.86
CA PHE D 49 8.32 16.34 -23.17
C PHE D 49 9.35 16.18 -24.29
N ASN D 50 10.43 16.96 -24.24
CA ASN D 50 11.47 16.87 -25.25
C ASN D 50 12.14 15.48 -25.24
N GLN D 51 12.38 14.91 -24.04
CA GLN D 51 13.10 13.59 -23.90
C GLN D 51 12.16 12.42 -24.27
N LYS D 52 10.87 12.51 -23.98
CA LYS D 52 9.84 11.57 -24.45
C LYS D 52 9.76 11.57 -25.97
N ARG D 53 9.64 12.76 -26.57
CA ARG D 53 9.58 12.94 -28.03
C ARG D 53 10.85 12.44 -28.70
N ARG D 54 12.03 12.74 -28.13
CA ARG D 54 13.33 12.22 -28.57
C ARG D 54 13.31 10.69 -28.59
N LEU D 55 13.06 10.05 -27.44
CA LEU D 55 13.14 8.60 -27.32
C LEU D 55 12.20 7.87 -28.27
N LYS D 56 10.98 8.39 -28.48
CA LYS D 56 10.04 7.75 -29.42
C LYS D 56 10.63 7.68 -30.82
N ARG D 57 11.22 8.76 -31.31
CA ARG D 57 11.86 8.79 -32.64
C ARG D 57 13.03 7.82 -32.73
N GLU D 58 13.81 7.65 -31.67
CA GLU D 58 14.86 6.62 -31.68
C GLU D 58 14.25 5.23 -31.85
N GLN D 59 13.19 4.91 -31.08
CA GLN D 59 12.52 3.63 -31.19
C GLN D 59 11.98 3.38 -32.60
N GLN D 60 11.41 4.40 -33.26
CA GLN D 60 10.95 4.27 -34.65
C GLN D 60 12.08 3.83 -35.58
N LEU D 61 13.26 4.43 -35.48
CA LEU D 61 14.38 4.10 -36.35
C LEU D 61 15.01 2.76 -35.99
N LEU D 62 15.07 2.39 -34.71
CA LEU D 62 15.68 1.13 -34.30
C LEU D 62 14.79 -0.10 -34.54
N ALA D 63 13.46 0.03 -34.54
CA ALA D 63 12.55 -1.10 -34.58
C ALA D 63 12.70 -2.01 -35.81
N GLU D 64 13.32 -1.54 -36.90
CA GLU D 64 13.58 -2.33 -38.09
C GLU D 64 14.91 -3.12 -38.06
N ALA D 65 15.82 -2.85 -37.12
CA ALA D 65 17.15 -3.44 -37.09
C ALA D 65 17.12 -4.97 -36.87
N ARG D 66 18.15 -5.67 -37.36
CA ARG D 66 18.26 -7.15 -37.35
C ARG D 66 19.56 -7.72 -36.79
N SER D 67 20.57 -6.90 -36.54
CA SER D 67 21.81 -7.27 -35.85
C SER D 67 22.36 -6.06 -35.08
N LEU D 68 23.13 -6.29 -34.03
CA LEU D 68 23.54 -5.22 -33.10
C LEU D 68 24.46 -4.19 -33.77
N ASN D 69 25.35 -4.61 -34.66
CA ASN D 69 26.16 -3.68 -35.45
C ASN D 69 25.31 -2.79 -36.39
N GLN D 70 24.23 -3.32 -36.96
CA GLN D 70 23.29 -2.54 -37.77
C GLN D 70 22.52 -1.52 -36.91
N ALA D 71 22.11 -1.89 -35.70
CA ALA D 71 21.53 -0.94 -34.76
C ALA D 71 22.53 0.15 -34.37
N ASN D 72 23.81 -0.17 -34.17
CA ASN D 72 24.83 0.85 -33.95
C ASN D 72 24.97 1.79 -35.16
N ASP D 73 24.97 1.28 -36.39
CA ASP D 73 25.04 2.11 -37.59
C ASP D 73 23.81 3.02 -37.74
N ILE D 74 22.63 2.57 -37.35
CA ILE D 74 21.44 3.40 -37.29
C ILE D 74 21.60 4.49 -36.22
N ALA D 75 22.09 4.12 -35.03
CA ALA D 75 22.28 5.06 -33.92
C ALA D 75 23.50 5.99 -34.08
N ALA D 76 24.37 5.79 -35.06
CA ALA D 76 25.65 6.49 -35.15
C ALA D 76 25.53 8.02 -35.28
N ASP D 77 24.40 8.54 -35.78
CA ASP D 77 24.14 9.99 -35.86
C ASP D 77 23.23 10.52 -34.74
N PHE D 78 22.88 9.69 -33.75
CA PHE D 78 22.08 10.18 -32.59
C PHE D 78 22.98 11.05 -31.71
N GLY D 79 22.41 12.03 -31.01
CA GLY D 79 23.17 12.90 -30.10
C GLY D 79 23.73 12.12 -28.93
N SER D 80 24.84 12.60 -28.34
CA SER D 80 25.49 11.93 -27.21
C SER D 80 24.60 11.79 -25.97
N LYS D 81 23.58 12.64 -25.84
CA LYS D 81 22.55 12.58 -24.80
C LYS D 81 21.39 11.61 -25.11
N SER D 82 21.40 10.89 -26.23
CA SER D 82 20.35 9.91 -26.54
C SER D 82 20.45 8.67 -25.66
N LEU D 83 19.37 8.37 -24.94
CA LEU D 83 19.30 7.20 -24.07
C LEU D 83 19.45 5.90 -24.87
N SER D 84 18.89 5.84 -26.08
CA SER D 84 19.04 4.65 -26.91
C SER D 84 20.49 4.42 -27.31
N LEU D 85 21.25 5.46 -27.65
CA LEU D 85 22.67 5.35 -27.91
C LEU D 85 23.44 4.99 -26.66
N HIS D 86 22.98 5.45 -25.48
CA HIS D 86 23.63 5.09 -24.19
C HIS D 86 23.50 3.58 -23.97
N LEU D 87 22.30 3.01 -24.21
CA LEU D 87 22.08 1.58 -24.05
C LEU D 87 22.87 0.77 -25.10
N LEU D 88 22.78 1.14 -26.37
CA LEU D 88 23.49 0.42 -27.44
C LEU D 88 25.01 0.41 -27.22
N ASN D 89 25.63 1.57 -26.97
CA ASN D 89 27.07 1.59 -26.78
C ASN D 89 27.46 0.89 -25.46
N GLU D 90 26.59 0.82 -24.47
CA GLU D 90 26.82 0.00 -23.26
C GLU D 90 26.80 -1.49 -23.57
N ALA D 91 25.87 -1.97 -24.39
CA ALA D 91 25.90 -3.37 -24.83
C ALA D 91 27.13 -3.69 -25.70
N GLN D 92 27.64 -2.69 -26.42
CA GLN D 92 28.85 -2.87 -27.26
C GLN D 92 30.09 -2.78 -26.37
N ASN D 93 30.03 -2.06 -25.25
CA ASN D 93 31.10 -2.01 -24.26
C ASN D 93 31.24 -3.32 -23.49
N GLU D 94 30.14 -4.01 -23.17
CA GLU D 94 30.26 -5.32 -22.52
C GLU D 94 30.83 -6.39 -23.43
N LEU D 95 30.67 -6.27 -24.75
CA LEU D 95 31.37 -7.13 -25.70
C LEU D 95 32.87 -6.79 -25.77
N GLU D 96 33.23 -5.52 -25.98
CA GLU D 96 34.64 -5.17 -26.16
C GLU D 96 35.49 -5.43 -24.91
N LEU D 97 34.91 -5.29 -23.71
CA LEU D 97 35.62 -5.54 -22.46
C LEU D 97 35.95 -7.01 -22.19
N SER D 98 35.36 -7.96 -22.93
CA SER D 98 35.66 -9.38 -22.76
C SER D 98 35.83 -10.13 -24.07
N GLU D 99 36.19 -9.37 -25.11
CA GLU D 99 36.35 -9.92 -26.48
C GLU D 99 37.16 -11.21 -26.43
N GLY D 100 38.18 -11.25 -25.58
CA GLY D 100 39.01 -12.45 -25.44
C GLY D 100 38.34 -13.44 -24.50
N SER D 101 37.08 -13.78 -24.74
CA SER D 101 36.33 -14.76 -23.92
C SER D 101 35.27 -15.43 -24.79
N ASP D 102 34.98 -16.72 -24.55
CA ASP D 102 34.01 -17.50 -25.32
C ASP D 102 32.77 -17.91 -24.49
N ASP D 103 32.62 -17.40 -23.26
CA ASP D 103 31.47 -17.68 -22.40
C ASP D 103 30.26 -16.82 -22.81
N ASN D 104 29.54 -17.27 -23.82
CA ASN D 104 28.46 -16.52 -24.43
C ASN D 104 27.36 -16.18 -23.42
N GLU D 105 26.88 -17.13 -22.63
CA GLU D 105 25.88 -16.85 -21.61
C GLU D 105 26.43 -15.91 -20.53
N GLY D 106 27.74 -15.91 -20.26
CA GLY D 106 28.37 -14.89 -19.45
C GLY D 106 28.20 -13.49 -20.05
N ILE D 107 28.49 -13.30 -21.34
CA ILE D 107 28.31 -12.00 -22.02
C ILE D 107 26.85 -11.57 -21.97
N LYS D 108 25.91 -12.48 -22.23
CA LYS D 108 24.48 -12.18 -22.15
C LYS D 108 24.09 -11.71 -20.76
N GLU D 109 24.46 -12.47 -19.73
CA GLU D 109 24.08 -12.14 -18.36
C GLU D 109 24.70 -10.81 -17.90
N ARG D 110 26.00 -10.60 -18.13
CA ARG D 110 26.65 -9.33 -17.80
C ARG D 110 25.97 -8.16 -18.51
N THR D 111 25.62 -8.32 -19.78
CA THR D 111 24.92 -7.27 -20.52
C THR D 111 23.53 -7.02 -19.95
N SER D 112 22.74 -8.07 -19.74
CA SER D 112 21.39 -7.97 -19.18
C SER D 112 21.39 -7.26 -17.84
N PHE D 113 22.35 -7.59 -16.99
CA PHE D 113 22.51 -6.94 -15.70
C PHE D 113 22.86 -5.46 -15.87
N ARG D 114 23.82 -5.09 -16.72
CA ARG D 114 24.16 -3.68 -16.97
C ARG D 114 22.97 -2.89 -17.48
N LEU D 115 22.25 -3.39 -18.48
CA LEU D 115 21.10 -2.66 -19.01
C LEU D 115 19.98 -2.56 -18.00
N GLU D 116 19.72 -3.58 -17.18
CA GLU D 116 18.76 -3.46 -16.08
C GLU D 116 19.14 -2.33 -15.12
N ARG D 117 20.42 -2.24 -14.70
CA ARG D 117 20.86 -1.14 -13.85
C ARG D 117 20.69 0.20 -14.54
N ARG D 118 21.05 0.31 -15.83
CA ARG D 118 20.94 1.58 -16.56
C ARG D 118 19.52 2.05 -16.71
N VAL D 119 18.58 1.19 -17.08
CA VAL D 119 17.16 1.54 -17.22
C VAL D 119 16.60 1.99 -15.87
N ALA D 120 16.91 1.29 -14.79
CA ALA D 120 16.50 1.72 -13.47
C ALA D 120 17.12 3.07 -13.09
N ALA D 121 18.40 3.29 -13.36
CA ALA D 121 19.08 4.56 -13.04
C ALA D 121 18.47 5.75 -13.80
N VAL D 122 18.22 5.60 -15.10
CA VAL D 122 17.57 6.65 -15.90
C VAL D 122 16.16 6.88 -15.39
N GLY D 123 15.38 5.83 -15.15
CA GLY D 123 14.02 5.97 -14.62
C GLY D 123 13.99 6.67 -13.26
N ARG D 124 14.91 6.34 -12.36
CA ARG D 124 15.03 6.96 -11.04
C ARG D 124 15.40 8.43 -11.13
N GLN D 125 16.31 8.80 -12.02
CA GLN D 125 16.64 10.20 -12.28
C GLN D 125 15.47 10.94 -12.95
N MET D 126 14.70 10.28 -13.81
CA MET D 126 13.55 10.89 -14.50
C MET D 126 12.46 11.35 -13.52
N GLY D 127 12.31 10.66 -12.39
CA GLY D 127 11.36 10.97 -11.34
C GLY D 127 11.82 11.97 -10.27
N ARG D 128 12.94 12.69 -10.48
CA ARG D 128 13.65 13.45 -9.42
C ARG D 128 12.76 14.30 -8.51
N GLY D 129 11.83 15.06 -9.07
CA GLY D 129 11.02 16.02 -8.32
C GLY D 129 9.80 15.44 -7.60
N ASN D 130 9.39 14.20 -7.88
CA ASN D 130 8.06 13.71 -7.47
C ASN D 130 7.86 13.65 -5.96
N GLY D 131 8.91 13.52 -5.16
CA GLY D 131 8.79 13.50 -3.70
C GLY D 131 8.12 14.75 -3.14
N TYR D 132 8.46 15.93 -3.67
CA TYR D 132 7.83 17.18 -3.26
C TYR D 132 6.38 17.23 -3.71
N LEU D 133 6.08 16.82 -4.96
CA LEU D 133 4.71 16.81 -5.48
C LEU D 133 3.81 15.90 -4.65
N ALA D 134 4.24 14.68 -4.34
CA ALA D 134 3.45 13.76 -3.54
C ALA D 134 3.19 14.31 -2.14
N THR D 135 4.23 14.84 -1.50
CA THR D 135 4.14 15.37 -0.14
C THR D 135 3.24 16.60 -0.08
N ILE D 136 3.46 17.59 -0.94
CA ILE D 136 2.64 18.80 -0.99
C ILE D 136 1.18 18.44 -1.27
N GLY D 137 0.94 17.45 -2.13
CA GLY D 137 -0.40 16.96 -2.44
C GLY D 137 -1.09 16.30 -1.23
N ALA D 138 -0.43 15.39 -0.55
CA ALA D 138 -1.04 14.66 0.57
C ALA D 138 -1.15 15.50 1.86
N ILE D 139 -0.22 16.41 2.11
CA ILE D 139 -0.03 17.04 3.42
C ILE D 139 -0.56 18.47 3.51
N SER D 140 -0.62 19.23 2.41
CA SER D 140 -1.16 20.60 2.46
C SER D 140 -2.55 20.71 3.09
N PRO D 141 -3.50 19.77 2.89
CA PRO D 141 -4.77 19.78 3.60
C PRO D 141 -4.61 19.82 5.12
N PHE D 142 -3.70 19.02 5.69
CA PHE D 142 -3.47 19.03 7.14
C PHE D 142 -2.82 20.33 7.62
N VAL D 143 -1.95 20.95 6.83
CA VAL D 143 -1.42 22.28 7.18
C VAL D 143 -2.53 23.32 7.16
N GLY D 144 -3.45 23.25 6.20
CA GLY D 144 -4.68 24.05 6.21
C GLY D 144 -5.53 23.79 7.46
N LEU D 145 -5.73 22.53 7.83
CA LEU D 145 -6.46 22.16 9.05
C LEU D 145 -5.80 22.77 10.29
N PHE D 146 -4.49 22.66 10.47
CA PHE D 146 -3.82 23.30 11.60
C PHE D 146 -4.05 24.82 11.59
N GLY D 147 -3.87 25.44 10.43
CA GLY D 147 -4.13 26.89 10.32
C GLY D 147 -5.53 27.23 10.78
N THR D 148 -6.54 26.49 10.31
CA THR D 148 -7.94 26.79 10.67
C THR D 148 -8.11 26.60 12.16
N VAL D 149 -7.82 25.40 12.66
CA VAL D 149 -8.05 25.11 14.11
C VAL D 149 -7.50 26.30 14.89
N TRP D 150 -6.25 26.68 14.64
CA TRP D 150 -5.68 27.77 15.41
C TRP D 150 -6.53 29.05 15.34
N GLY D 151 -7.04 29.42 14.18
CA GLY D 151 -7.94 30.57 14.05
C GLY D 151 -9.27 30.35 14.79
N ILE D 152 -9.89 29.18 14.66
CA ILE D 152 -11.13 28.83 15.36
C ILE D 152 -10.91 28.86 16.86
N MET D 153 -9.82 28.30 17.37
CA MET D 153 -9.43 28.39 18.77
C MET D 153 -9.29 29.84 19.20
N ASN D 154 -8.58 30.67 18.44
CA ASN D 154 -8.44 32.09 18.74
C ASN D 154 -9.81 32.80 18.79
N SER D 155 -10.79 32.41 17.96
CA SER D 155 -12.13 32.98 18.01
C SER D 155 -12.90 32.62 19.29
N PHE D 156 -12.81 31.37 19.77
CA PHE D 156 -13.36 31.02 21.08
C PHE D 156 -12.62 31.70 22.23
N ILE D 157 -11.30 31.88 22.13
CA ILE D 157 -10.56 32.70 23.09
C ILE D 157 -11.06 34.15 23.06
N GLY D 158 -11.47 34.67 21.92
CA GLY D 158 -12.15 35.97 21.80
C GLY D 158 -13.48 36.00 22.56
N ILE D 159 -14.31 34.97 22.41
CA ILE D 159 -15.57 34.82 23.15
C ILE D 159 -15.32 34.73 24.66
N ALA D 160 -14.25 34.07 25.10
CA ALA D 160 -13.92 33.98 26.52
C ALA D 160 -13.58 35.34 27.17
N GLN D 161 -13.27 36.39 26.39
CA GLN D 161 -12.93 37.71 26.94
C GLN D 161 -14.12 38.45 27.56
N THR D 162 -15.35 38.21 27.09
CA THR D 162 -16.54 38.96 27.51
C THR D 162 -17.83 38.17 27.35
N GLN D 163 -18.85 38.46 28.15
CA GLN D 163 -20.18 37.85 28.00
C GLN D 163 -20.89 38.28 26.71
N THR D 164 -20.53 39.45 26.16
CA THR D 164 -21.10 39.99 24.92
C THR D 164 -20.66 39.16 23.70
N THR D 165 -21.60 38.79 22.83
CA THR D 165 -21.27 38.21 21.52
C THR D 165 -22.33 38.48 20.47
N ASN D 166 -21.91 38.52 19.21
CA ASN D 166 -22.75 38.60 18.02
C ASN D 166 -21.94 38.01 16.85
N LEU D 167 -22.55 37.32 15.88
CA LEU D 167 -21.76 36.74 14.79
C LEU D 167 -21.05 37.79 13.93
N ALA D 168 -21.55 39.03 13.89
CA ALA D 168 -20.85 40.16 13.27
C ALA D 168 -19.50 40.47 13.93
N VAL D 169 -19.31 40.15 15.21
CA VAL D 169 -18.05 40.35 15.94
C VAL D 169 -17.02 39.30 15.55
N VAL D 170 -17.42 38.02 15.48
CA VAL D 170 -16.49 36.92 15.12
C VAL D 170 -16.26 36.78 13.62
N ALA D 171 -17.10 37.37 12.78
CA ALA D 171 -17.06 37.23 11.32
C ALA D 171 -15.66 37.34 10.69
N PRO D 172 -14.83 38.37 10.96
CA PRO D 172 -13.49 38.43 10.39
C PRO D 172 -12.56 37.33 10.93
N GLY D 173 -12.69 36.95 12.20
CA GLY D 173 -11.92 35.87 12.81
C GLY D 173 -12.21 34.50 12.20
N ILE D 174 -13.48 34.20 11.90
CA ILE D 174 -13.82 32.97 11.17
C ILE D 174 -13.49 33.10 9.68
N ALA D 175 -13.55 34.29 9.09
CA ALA D 175 -13.14 34.50 7.71
C ALA D 175 -11.64 34.28 7.52
N GLU D 176 -10.76 34.77 8.40
CA GLU D 176 -9.33 34.43 8.27
C GLU D 176 -9.07 32.94 8.49
N ALA D 177 -9.82 32.29 9.39
CA ALA D 177 -9.70 30.85 9.58
C ALA D 177 -10.14 30.05 8.34
N LEU D 178 -11.15 30.52 7.62
CA LEU D 178 -11.55 29.96 6.32
C LEU D 178 -10.48 30.23 5.27
N LEU D 179 -9.97 31.46 5.17
CA LEU D 179 -8.97 31.80 4.18
C LEU D 179 -7.73 30.91 4.30
N ALA D 180 -7.31 30.55 5.51
CA ALA D 180 -6.21 29.63 5.71
C ALA D 180 -6.44 28.28 5.01
N THR D 181 -7.65 27.72 5.07
CA THR D 181 -7.95 26.50 4.32
C THR D 181 -8.21 26.74 2.83
N ALA D 182 -8.74 27.89 2.42
CA ALA D 182 -8.84 28.22 1.00
C ALA D 182 -7.47 28.21 0.33
N ILE D 183 -6.45 28.80 0.98
CA ILE D 183 -5.07 28.71 0.50
C ILE D 183 -4.59 27.26 0.53
N GLY D 184 -4.91 26.48 1.56
CA GLY D 184 -4.55 25.06 1.63
C GLY D 184 -5.10 24.23 0.46
N LEU D 185 -6.38 24.40 0.13
CA LEU D 185 -7.00 23.76 -1.01
C LEU D 185 -6.36 24.19 -2.34
N VAL D 186 -6.13 25.49 -2.55
CA VAL D 186 -5.60 26.00 -3.86
C VAL D 186 -4.16 25.49 -4.04
N ALA D 187 -3.42 25.25 -2.96
CA ALA D 187 -2.09 24.64 -3.04
C ALA D 187 -2.15 23.13 -3.26
N ALA D 188 -3.07 22.41 -2.62
CA ALA D 188 -3.19 20.96 -2.74
C ALA D 188 -3.71 20.51 -4.11
N ILE D 189 -4.69 21.23 -4.68
CA ILE D 189 -5.36 20.83 -5.92
C ILE D 189 -4.37 20.68 -7.09
N PRO D 190 -3.57 21.69 -7.47
CA PRO D 190 -2.57 21.51 -8.51
C PRO D 190 -1.60 20.37 -8.23
N ALA D 191 -1.13 20.22 -7.01
CA ALA D 191 -0.13 19.20 -6.69
C ALA D 191 -0.64 17.78 -6.94
N VAL D 192 -1.89 17.47 -6.58
CA VAL D 192 -2.46 16.15 -6.88
C VAL D 192 -2.61 15.94 -8.38
N VAL D 193 -3.11 16.92 -9.12
CA VAL D 193 -3.27 16.82 -10.58
C VAL D 193 -1.91 16.58 -11.23
N ILE D 194 -0.93 17.43 -10.94
CA ILE D 194 0.40 17.37 -11.54
C ILE D 194 1.10 16.06 -11.17
N TYR D 195 0.99 15.60 -9.92
CA TYR D 195 1.58 14.32 -9.53
C TYR D 195 1.02 13.17 -10.37
N ASN D 196 -0.30 13.09 -10.56
CA ASN D 196 -0.88 12.03 -11.38
C ASN D 196 -0.49 12.16 -12.86
N VAL D 197 -0.45 13.37 -13.41
CA VAL D 197 -0.01 13.57 -14.80
C VAL D 197 1.39 13.02 -14.99
N PHE D 198 2.34 13.36 -14.12
CA PHE D 198 3.69 12.81 -14.23
C PHE D 198 3.76 11.33 -13.87
N ALA D 199 2.98 10.80 -12.93
CA ALA D 199 3.03 9.38 -12.63
C ALA D 199 2.63 8.53 -13.86
N ARG D 200 1.62 8.95 -14.60
CA ARG D 200 1.22 8.27 -15.85
C ARG D 200 2.23 8.46 -16.97
N GLN D 201 2.75 9.67 -17.16
CA GLN D 201 3.77 9.91 -18.18
C GLN D 201 5.07 9.12 -17.91
N ILE D 202 5.53 9.07 -16.65
CA ILE D 202 6.69 8.29 -16.25
C ILE D 202 6.47 6.81 -16.52
N GLY D 203 5.30 6.25 -16.20
CA GLY D 203 5.01 4.84 -16.50
C GLY D 203 5.16 4.49 -17.97
N GLY D 204 4.69 5.36 -18.87
CA GLY D 204 4.90 5.22 -20.30
C GLY D 204 6.36 5.34 -20.71
N PHE D 205 7.09 6.30 -20.14
CA PHE D 205 8.50 6.48 -20.43
C PHE D 205 9.35 5.29 -19.98
N LYS D 206 9.11 4.79 -18.76
CA LYS D 206 9.74 3.57 -18.24
C LYS D 206 9.52 2.40 -19.19
N ALA D 207 8.30 2.23 -19.69
CA ALA D 207 7.98 1.18 -20.63
C ALA D 207 8.71 1.32 -21.97
N MET D 208 8.70 2.51 -22.58
CA MET D 208 9.43 2.75 -23.83
C MET D 208 10.91 2.45 -23.67
N LEU D 209 11.54 2.98 -22.63
CA LEU D 209 12.96 2.76 -22.38
C LEU D 209 13.25 1.27 -22.12
N GLY D 210 12.40 0.60 -21.35
CA GLY D 210 12.50 -0.84 -21.11
C GLY D 210 12.38 -1.65 -22.40
N ASP D 211 11.49 -1.28 -23.32
CA ASP D 211 11.35 -1.98 -24.60
C ASP D 211 12.51 -1.68 -25.56
N VAL D 212 13.16 -0.52 -25.49
CA VAL D 212 14.42 -0.30 -26.20
C VAL D 212 15.51 -1.19 -25.62
N ALA D 213 15.67 -1.25 -24.30
CA ALA D 213 16.65 -2.16 -23.70
C ALA D 213 16.36 -3.63 -24.04
N ALA D 214 15.09 -4.04 -24.06
CA ALA D 214 14.72 -5.37 -24.49
C ALA D 214 15.15 -5.63 -25.93
N GLN D 215 14.95 -4.68 -26.85
CA GLN D 215 15.42 -4.84 -28.22
C GLN D 215 16.94 -5.00 -28.29
N VAL D 216 17.69 -4.27 -27.49
CA VAL D 216 19.15 -4.41 -27.45
C VAL D 216 19.56 -5.81 -27.00
N LEU D 217 18.95 -6.36 -25.96
CA LEU D 217 19.24 -7.73 -25.52
C LEU D 217 18.87 -8.76 -26.58
N LEU D 218 17.72 -8.62 -27.22
CA LEU D 218 17.30 -9.55 -28.27
C LEU D 218 18.26 -9.52 -29.45
N LEU D 219 18.64 -8.33 -29.95
CA LEU D 219 19.60 -8.20 -31.04
C LEU D 219 20.91 -8.89 -30.71
N GLN D 220 21.46 -8.60 -29.52
CA GLN D 220 22.70 -9.21 -29.08
C GLN D 220 22.55 -10.73 -29.00
N SER D 221 21.53 -11.20 -28.29
CA SER D 221 21.37 -12.61 -28.00
C SER D 221 21.24 -13.43 -29.28
N ARG D 222 20.44 -12.99 -30.26
CA ARG D 222 20.37 -13.67 -31.57
C ARG D 222 21.70 -13.66 -32.27
N ASP D 223 22.31 -12.49 -32.52
CA ASP D 223 23.56 -12.35 -33.34
C ASP D 223 24.74 -13.09 -32.71
N LEU D 224 24.79 -13.18 -31.39
CA LEU D 224 25.76 -13.95 -30.64
C LEU D 224 25.55 -15.46 -30.80
N ASP D 225 24.31 -15.94 -30.71
CA ASP D 225 23.98 -17.34 -31.00
C ASP D 225 24.27 -17.71 -32.45
N LEU D 226 23.90 -16.85 -33.40
CA LEU D 226 24.14 -17.09 -34.83
C LEU D 226 25.63 -17.10 -35.16
N GLU D 227 26.42 -16.20 -34.58
CA GLU D 227 27.87 -16.25 -34.72
C GLU D 227 28.45 -17.55 -34.16
N ALA D 228 28.05 -17.94 -32.95
CA ALA D 228 28.52 -19.20 -32.35
C ALA D 228 28.13 -20.42 -33.20
N SER D 229 26.94 -20.38 -33.81
CA SER D 229 26.42 -21.46 -34.65
C SER D 229 27.13 -21.59 -36.01
N ALA D 230 27.92 -20.59 -36.43
CA ALA D 230 28.69 -20.66 -37.67
C ALA D 230 29.82 -21.72 -37.62
N ALA D 231 30.22 -22.18 -36.44
CA ALA D 231 31.22 -23.23 -36.26
C ALA D 231 30.74 -24.64 -36.73
N ALA D 232 29.44 -24.85 -36.91
CA ALA D 232 28.86 -26.12 -37.34
C ALA D 232 29.37 -26.56 -38.73
N THR E 8 -8.47 35.11 35.93
CA THR E 8 -9.68 35.49 35.19
C THR E 8 -9.46 35.33 33.69
N ASP E 9 -8.47 36.04 33.15
CA ASP E 9 -8.15 35.95 31.71
C ASP E 9 -7.35 34.67 31.41
N LEU E 10 -7.10 34.39 30.14
CA LEU E 10 -6.32 33.24 29.68
C LEU E 10 -5.52 33.55 28.40
N SER E 11 -4.55 32.69 28.10
CA SER E 11 -3.67 32.73 26.94
C SER E 11 -3.33 31.30 26.51
N VAL E 12 -2.54 31.10 25.46
CA VAL E 12 -2.10 29.75 25.04
C VAL E 12 -1.50 28.96 26.22
N TRP E 13 -0.61 29.58 27.00
CA TRP E 13 -0.06 28.95 28.19
C TRP E 13 -1.07 28.89 29.33
N GLY E 14 -1.79 29.97 29.60
CA GLY E 14 -2.77 30.01 30.71
C GLY E 14 -3.88 28.97 30.56
N MET E 15 -4.27 28.67 29.32
CA MET E 15 -5.20 27.62 28.97
C MET E 15 -4.66 26.24 29.32
N TYR E 16 -3.39 25.95 29.04
CA TYR E 16 -2.73 24.75 29.54
C TYR E 16 -2.59 24.73 31.08
N GLN E 17 -2.41 25.90 31.70
CA GLN E 17 -2.24 26.00 33.17
C GLN E 17 -3.56 25.70 33.91
N HIS E 18 -4.72 25.92 33.29
CA HIS E 18 -6.05 25.66 33.91
C HIS E 18 -6.64 24.33 33.43
N ALA E 19 -6.03 23.70 32.40
CA ALA E 19 -6.57 22.47 31.84
C ALA E 19 -6.70 21.29 32.82
N ASP E 20 -7.57 20.33 32.51
CA ASP E 20 -7.72 19.08 33.26
C ASP E 20 -6.46 18.19 33.16
N ILE E 21 -6.12 17.46 34.23
CA ILE E 21 -4.93 16.62 34.27
C ILE E 21 -4.83 15.59 33.14
N VAL E 22 -5.96 15.03 32.67
CA VAL E 22 -5.96 14.09 31.55
C VAL E 22 -5.45 14.77 30.28
N VAL E 23 -5.97 15.95 29.95
CA VAL E 23 -5.55 16.63 28.72
C VAL E 23 -4.20 17.31 28.90
N LYS E 24 -3.80 17.75 30.10
CA LYS E 24 -2.42 18.15 30.38
C LYS E 24 -1.44 17.04 30.01
N CYS E 25 -1.73 15.82 30.45
CA CYS E 25 -0.88 14.67 30.17
C CYS E 25 -0.80 14.38 28.68
N VAL E 26 -1.91 14.47 27.95
CA VAL E 26 -1.92 14.37 26.48
C VAL E 26 -1.04 15.44 25.85
N MET E 27 -1.19 16.72 26.20
CA MET E 27 -0.36 17.77 25.61
C MET E 27 1.12 17.53 25.86
N ILE E 28 1.52 17.11 27.06
CA ILE E 28 2.91 16.73 27.35
C ILE E 28 3.35 15.56 26.47
N GLY E 29 2.49 14.57 26.25
CA GLY E 29 2.77 13.47 25.34
C GLY E 29 3.10 13.95 23.92
N LEU E 30 2.29 14.83 23.34
CA LEU E 30 2.58 15.37 22.02
C LEU E 30 3.88 16.19 21.99
N ILE E 31 4.17 17.02 22.98
CA ILE E 31 5.42 17.79 22.97
C ILE E 31 6.64 16.86 23.07
N LEU E 32 6.57 15.78 23.83
CA LEU E 32 7.62 14.77 23.85
C LEU E 32 7.74 14.05 22.49
N ALA E 33 6.61 13.73 21.85
CA ALA E 33 6.63 13.17 20.51
C ALA E 33 7.23 14.15 19.48
N SER E 34 6.98 15.45 19.62
CA SER E 34 7.59 16.47 18.78
C SER E 34 9.10 16.50 18.96
N VAL E 35 9.62 16.61 20.18
CA VAL E 35 11.06 16.73 20.36
C VAL E 35 11.81 15.46 19.95
N VAL E 36 11.24 14.27 20.16
CA VAL E 36 11.89 13.05 19.65
C VAL E 36 11.82 12.93 18.13
N THR E 37 10.73 13.32 17.47
CA THR E 37 10.72 13.24 16.00
C THR E 37 11.71 14.21 15.36
N TRP E 38 11.95 15.38 15.93
CA TRP E 38 13.00 16.28 15.45
C TRP E 38 14.40 15.80 15.82
N ALA E 39 14.60 15.23 17.01
CA ALA E 39 15.90 14.69 17.38
C ALA E 39 16.31 13.53 16.46
N ILE E 40 15.36 12.66 16.11
CA ILE E 40 15.57 11.61 15.12
C ILE E 40 15.90 12.22 13.77
N PHE E 41 15.19 13.25 13.32
CA PHE E 41 15.46 13.88 12.03
C PHE E 41 16.88 14.43 11.94
N PHE E 42 17.34 15.24 12.89
CA PHE E 42 18.69 15.78 12.81
C PHE E 42 19.75 14.68 12.92
N SER E 43 19.57 13.69 13.80
CA SER E 43 20.52 12.57 13.92
C SER E 43 20.62 11.76 12.64
N LYS E 44 19.49 11.31 12.11
CA LYS E 44 19.42 10.52 10.88
C LYS E 44 19.91 11.30 9.67
N SER E 45 19.53 12.58 9.54
CA SER E 45 19.91 13.39 8.39
C SER E 45 21.42 13.58 8.29
N VAL E 46 22.10 13.86 9.40
CA VAL E 46 23.55 14.02 9.40
C VAL E 46 24.27 12.71 9.05
N GLU E 47 23.75 11.57 9.50
CA GLU E 47 24.26 10.27 9.05
C GLU E 47 24.01 10.06 7.56
N PHE E 48 22.79 10.28 7.08
CA PHE E 48 22.41 10.06 5.68
C PHE E 48 23.24 10.88 4.73
N PHE E 49 23.47 12.16 5.02
CA PHE E 49 24.30 13.00 4.18
C PHE E 49 25.73 12.47 4.10
N ASN E 50 26.34 12.10 5.22
CA ASN E 50 27.72 11.60 5.22
C ASN E 50 27.84 10.23 4.54
N GLN E 51 26.89 9.32 4.76
CA GLN E 51 26.88 8.03 4.06
C GLN E 51 26.72 8.21 2.54
N LYS E 52 25.79 9.06 2.10
CA LYS E 52 25.56 9.36 0.68
C LYS E 52 26.79 9.98 0.03
N ARG E 53 27.37 11.01 0.66
CA ARG E 53 28.56 11.72 0.16
C ARG E 53 29.77 10.80 0.08
N ARG E 54 30.01 9.96 1.09
CA ARG E 54 31.05 8.92 1.04
C ARG E 54 30.81 7.96 -0.11
N LEU E 55 29.62 7.38 -0.22
CA LEU E 55 29.36 6.37 -1.26
C LEU E 55 29.49 6.96 -2.66
N LYS E 56 29.06 8.21 -2.90
CA LYS E 56 29.25 8.90 -4.18
C LYS E 56 30.73 8.99 -4.55
N ARG E 57 31.58 9.41 -3.63
CA ARG E 57 33.02 9.51 -3.86
C ARG E 57 33.64 8.14 -4.10
N GLU E 58 33.27 7.14 -3.30
CA GLU E 58 33.76 5.77 -3.50
C GLU E 58 33.33 5.19 -4.85
N GLN E 59 32.07 5.35 -5.27
CA GLN E 59 31.62 4.85 -6.57
C GLN E 59 32.35 5.55 -7.72
N GLN E 60 32.37 6.88 -7.72
CA GLN E 60 32.97 7.65 -8.82
C GLN E 60 34.48 7.34 -8.96
N LEU E 61 35.15 7.01 -7.86
CA LEU E 61 36.53 6.56 -7.84
C LEU E 61 36.69 5.10 -8.27
N LEU E 62 35.78 4.19 -7.91
CA LEU E 62 35.79 2.80 -8.38
C LEU E 62 35.41 2.65 -9.86
N ALA E 63 34.70 3.61 -10.45
CA ALA E 63 34.16 3.48 -11.80
C ALA E 63 35.20 3.19 -12.88
N GLU E 64 36.46 3.52 -12.64
CA GLU E 64 37.57 3.29 -13.58
C GLU E 64 38.22 1.90 -13.49
N ALA E 65 37.87 1.06 -12.51
CA ALA E 65 38.48 -0.25 -12.34
C ALA E 65 38.13 -1.21 -13.48
N ARG E 66 39.12 -1.99 -13.94
CA ARG E 66 38.99 -2.93 -15.07
C ARG E 66 39.03 -4.41 -14.70
N SER E 67 39.48 -4.73 -13.49
CA SER E 67 39.49 -6.10 -12.93
C SER E 67 39.27 -6.04 -11.42
N LEU E 68 38.86 -7.14 -10.79
CA LEU E 68 38.62 -7.15 -9.36
C LEU E 68 39.91 -6.89 -8.56
N ASN E 69 41.06 -7.34 -9.08
CA ASN E 69 42.37 -7.05 -8.48
C ASN E 69 42.65 -5.55 -8.44
N GLN E 70 42.36 -4.82 -9.52
CA GLN E 70 42.50 -3.37 -9.50
C GLN E 70 41.49 -2.70 -8.56
N ALA E 71 40.25 -3.18 -8.49
CA ALA E 71 39.25 -2.64 -7.58
C ALA E 71 39.66 -2.80 -6.11
N ASN E 72 40.30 -3.91 -5.72
CA ASN E 72 40.88 -4.04 -4.39
C ASN E 72 41.95 -2.96 -4.13
N ASP E 73 42.88 -2.74 -5.05
CA ASP E 73 43.92 -1.71 -4.88
C ASP E 73 43.33 -0.30 -4.80
N ILE E 74 42.28 0.00 -5.56
CA ILE E 74 41.55 1.27 -5.43
C ILE E 74 40.90 1.39 -4.05
N ALA E 75 40.22 0.34 -3.57
CA ALA E 75 39.44 0.42 -2.35
C ALA E 75 40.25 0.30 -1.05
N ALA E 76 41.48 -0.22 -1.09
CA ALA E 76 42.23 -0.62 0.09
C ALA E 76 42.41 0.47 1.17
N ASP E 77 42.34 1.74 0.75
CA ASP E 77 42.58 2.90 1.67
C ASP E 77 41.27 3.63 1.94
N PHE E 78 40.12 3.01 1.65
CA PHE E 78 38.79 3.66 1.89
C PHE E 78 38.59 3.80 3.39
N GLY E 79 38.81 2.73 4.17
CA GLY E 79 38.62 2.75 5.63
C GLY E 79 37.67 1.63 6.04
N SER E 80 37.71 1.17 7.29
CA SER E 80 36.87 0.03 7.69
C SER E 80 35.36 0.30 7.67
N LYS E 81 34.92 1.55 7.79
CA LYS E 81 33.50 1.94 7.73
C LYS E 81 32.94 1.98 6.30
N SER E 82 33.78 1.87 5.27
CA SER E 82 33.35 1.92 3.87
C SER E 82 32.40 0.78 3.52
N LEU E 83 31.27 1.09 2.91
CA LEU E 83 30.36 0.09 2.38
C LEU E 83 31.00 -0.62 1.19
N SER E 84 31.66 0.10 0.29
CA SER E 84 32.20 -0.52 -0.92
C SER E 84 33.40 -1.44 -0.62
N LEU E 85 34.26 -1.10 0.34
CA LEU E 85 35.31 -2.02 0.78
C LEU E 85 34.71 -3.26 1.44
N HIS E 86 33.61 -3.08 2.19
CA HIS E 86 32.94 -4.26 2.79
C HIS E 86 32.47 -5.17 1.64
N LEU E 87 31.70 -4.61 0.71
CA LEU E 87 31.16 -5.44 -0.40
C LEU E 87 32.32 -6.10 -1.14
N LEU E 88 33.37 -5.34 -1.44
CA LEU E 88 34.50 -5.91 -2.22
C LEU E 88 35.09 -7.10 -1.45
N ASN E 89 35.24 -6.96 -0.14
CA ASN E 89 35.80 -8.06 0.69
C ASN E 89 34.86 -9.26 0.58
N GLU E 90 33.56 -9.05 0.81
CA GLU E 90 32.59 -10.17 0.69
C GLU E 90 32.87 -10.92 -0.62
N ALA E 91 33.03 -10.19 -1.72
CA ALA E 91 33.30 -10.84 -3.00
C ALA E 91 34.63 -11.59 -3.01
N GLN E 92 35.69 -10.99 -2.45
CA GLN E 92 36.99 -11.64 -2.35
C GLN E 92 36.92 -12.89 -1.47
N ASN E 93 36.24 -12.81 -0.33
CA ASN E 93 36.11 -13.93 0.57
C ASN E 93 35.40 -15.14 -0.06
N GLU E 94 34.47 -14.94 -0.99
CA GLU E 94 33.85 -16.08 -1.65
C GLU E 94 34.84 -16.85 -2.54
N LEU E 95 35.77 -16.14 -3.20
CA LEU E 95 36.86 -16.78 -3.94
C LEU E 95 37.83 -17.48 -2.98
N GLU E 96 38.18 -16.83 -1.87
CA GLU E 96 39.04 -17.38 -0.83
C GLU E 96 38.50 -18.70 -0.24
N LEU E 97 37.20 -18.77 0.05
CA LEU E 97 36.57 -20.02 0.53
C LEU E 97 36.36 -21.05 -0.58
N SER E 98 36.22 -20.62 -1.83
CA SER E 98 35.99 -21.52 -2.97
C SER E 98 37.27 -22.02 -3.64
N GLU E 99 38.45 -21.82 -3.07
CA GLU E 99 39.74 -22.05 -3.76
C GLU E 99 39.89 -23.44 -4.41
N GLY E 100 39.28 -24.49 -3.85
CA GLY E 100 39.34 -25.83 -4.43
C GLY E 100 38.42 -26.07 -5.64
N SER E 101 37.48 -25.17 -5.92
CA SER E 101 36.48 -25.35 -6.99
C SER E 101 37.07 -25.16 -8.39
N ASP E 102 36.72 -26.04 -9.32
CA ASP E 102 36.89 -25.81 -10.76
C ASP E 102 35.66 -25.07 -11.36
N ASP E 103 34.48 -25.31 -10.80
CA ASP E 103 33.22 -24.68 -11.19
C ASP E 103 33.21 -23.18 -10.83
N ASN E 104 33.01 -22.32 -11.82
CA ASN E 104 32.94 -20.86 -11.64
C ASN E 104 31.49 -20.37 -11.49
N GLU E 105 30.53 -20.99 -12.17
CA GLU E 105 29.12 -20.64 -12.12
C GLU E 105 28.58 -20.68 -10.68
N GLY E 106 29.02 -21.62 -9.87
CA GLY E 106 28.72 -21.67 -8.44
C GLY E 106 29.29 -20.47 -7.69
N ILE E 107 30.52 -20.04 -7.98
CA ILE E 107 31.14 -18.88 -7.33
C ILE E 107 30.36 -17.61 -7.70
N LYS E 108 30.03 -17.46 -8.98
CA LYS E 108 29.24 -16.33 -9.50
C LYS E 108 27.89 -16.26 -8.81
N GLU E 109 27.21 -17.39 -8.69
CA GLU E 109 25.93 -17.48 -7.99
C GLU E 109 26.06 -17.15 -6.50
N ARG E 110 26.99 -17.79 -5.77
CA ARG E 110 27.15 -17.53 -4.34
C ARG E 110 27.49 -16.08 -4.06
N THR E 111 28.35 -15.47 -4.88
CA THR E 111 28.70 -14.06 -4.69
C THR E 111 27.50 -13.17 -4.93
N SER E 112 26.72 -13.41 -5.99
CA SER E 112 25.48 -12.68 -6.23
C SER E 112 24.53 -12.78 -5.05
N PHE E 113 24.39 -13.97 -4.47
CA PHE E 113 23.54 -14.16 -3.31
C PHE E 113 24.06 -13.40 -2.09
N ARG E 114 25.33 -13.53 -1.72
CA ARG E 114 25.91 -12.82 -0.58
C ARG E 114 25.79 -11.31 -0.71
N LEU E 115 26.21 -10.74 -1.84
CA LEU E 115 26.15 -9.29 -2.00
C LEU E 115 24.73 -8.77 -2.00
N GLU E 116 23.76 -9.49 -2.57
CA GLU E 116 22.35 -9.10 -2.46
C GLU E 116 21.90 -9.04 -1.00
N ARG E 117 22.26 -10.04 -0.18
CA ARG E 117 21.89 -10.01 1.25
C ARG E 117 22.57 -8.87 1.99
N ARG E 118 23.83 -8.56 1.69
CA ARG E 118 24.53 -7.40 2.27
C ARG E 118 23.87 -6.08 1.88
N VAL E 119 23.50 -5.88 0.62
CA VAL E 119 22.80 -4.67 0.19
C VAL E 119 21.47 -4.53 0.91
N ALA E 120 20.69 -5.60 1.02
CA ALA E 120 19.45 -5.58 1.78
C ALA E 120 19.70 -5.28 3.27
N ALA E 121 20.74 -5.87 3.88
CA ALA E 121 21.07 -5.64 5.28
C ALA E 121 21.45 -4.19 5.56
N VAL E 122 22.25 -3.54 4.71
CA VAL E 122 22.59 -2.12 4.91
C VAL E 122 21.35 -1.25 4.76
N GLY E 123 20.48 -1.53 3.79
CA GLY E 123 19.22 -0.81 3.65
C GLY E 123 18.32 -0.94 4.88
N ARG E 124 18.16 -2.16 5.39
CA ARG E 124 17.41 -2.44 6.61
C ARG E 124 18.02 -1.78 7.84
N GLN E 125 19.34 -1.75 7.94
CA GLN E 125 20.05 -1.11 9.05
C GLN E 125 19.85 0.40 9.06
N MET E 126 19.78 1.07 7.92
CA MET E 126 19.53 2.52 7.88
C MET E 126 18.13 2.91 8.35
N GLY E 127 17.15 2.01 8.25
CA GLY E 127 15.78 2.25 8.70
C GLY E 127 15.59 2.25 10.22
N ARG E 128 16.63 2.06 11.03
CA ARG E 128 16.52 1.67 12.46
C ARG E 128 15.57 2.52 13.29
N GLY E 129 15.60 3.84 13.14
CA GLY E 129 14.74 4.74 13.90
C GLY E 129 13.30 4.90 13.37
N ASN E 130 12.99 4.40 12.18
CA ASN E 130 11.74 4.78 11.49
C ASN E 130 10.48 4.31 12.18
N GLY E 131 10.53 3.30 13.05
CA GLY E 131 9.36 2.86 13.81
C GLY E 131 8.72 3.98 14.63
N TYR E 132 9.54 4.87 15.20
CA TYR E 132 9.04 6.04 15.90
C TYR E 132 8.35 7.01 14.95
N LEU E 133 8.94 7.34 13.81
CA LEU E 133 8.38 8.31 12.87
C LEU E 133 7.02 7.82 12.34
N ALA E 134 6.94 6.57 11.94
CA ALA E 134 5.70 5.97 11.45
C ALA E 134 4.62 5.93 12.54
N THR E 135 4.98 5.49 13.74
CA THR E 135 4.01 5.37 14.84
C THR E 135 3.52 6.73 15.30
N ILE E 136 4.41 7.71 15.50
CA ILE E 136 4.02 9.06 15.91
C ILE E 136 3.09 9.66 14.86
N GLY E 137 3.43 9.57 13.58
CA GLY E 137 2.57 10.07 12.52
C GLY E 137 1.19 9.42 12.48
N ALA E 138 1.08 8.13 12.80
CA ALA E 138 -0.19 7.43 12.82
C ALA E 138 -1.04 7.74 14.07
N ILE E 139 -0.47 7.73 15.27
CA ILE E 139 -1.25 7.83 16.51
C ILE E 139 -1.47 9.25 16.99
N SER E 140 -0.61 10.23 16.64
CA SER E 140 -0.76 11.55 17.25
C SER E 140 -2.07 12.27 16.90
N PRO E 141 -2.68 12.10 15.70
CA PRO E 141 -4.04 12.56 15.44
C PRO E 141 -5.05 11.98 16.43
N PHE E 142 -5.06 10.64 16.54
CA PHE E 142 -6.01 9.97 17.46
C PHE E 142 -5.76 10.45 18.88
N VAL E 143 -4.50 10.44 19.31
CA VAL E 143 -4.18 10.82 20.72
C VAL E 143 -4.60 12.28 20.91
N GLY E 144 -4.56 13.07 19.84
CA GLY E 144 -5.04 14.45 19.97
C GLY E 144 -6.54 14.43 20.17
N LEU E 145 -7.25 13.73 19.28
CA LEU E 145 -8.73 13.68 19.37
C LEU E 145 -9.13 13.26 20.79
N PHE E 146 -8.44 12.28 21.37
CA PHE E 146 -8.86 11.79 22.70
C PHE E 146 -8.85 12.97 23.65
N GLY E 147 -7.73 13.71 23.67
CA GLY E 147 -7.66 14.91 24.52
C GLY E 147 -8.82 15.83 24.19
N THR E 148 -9.05 16.04 22.90
CA THR E 148 -10.14 16.91 22.46
C THR E 148 -11.46 16.46 23.07
N VAL E 149 -11.87 15.22 22.82
CA VAL E 149 -13.14 14.67 23.30
C VAL E 149 -13.24 14.76 24.81
N TRP E 150 -12.16 14.47 25.53
CA TRP E 150 -12.17 14.57 26.99
C TRP E 150 -12.46 15.99 27.47
N GLY E 151 -11.88 17.00 26.80
CA GLY E 151 -12.19 18.40 27.09
C GLY E 151 -13.64 18.76 26.80
N ILE E 152 -14.19 18.29 25.67
CA ILE E 152 -15.61 18.48 25.37
C ILE E 152 -16.47 17.86 26.47
N MET E 153 -16.19 16.60 26.86
CA MET E 153 -16.92 15.96 27.96
C MET E 153 -16.86 16.80 29.23
N ASN E 154 -15.68 17.22 29.67
CA ASN E 154 -15.55 18.04 30.86
C ASN E 154 -16.37 19.33 30.79
N SER E 155 -16.49 19.96 29.62
CA SER E 155 -17.34 21.14 29.47
C SER E 155 -18.82 20.81 29.71
N PHE E 156 -19.36 19.75 29.10
CA PHE E 156 -20.75 19.35 29.31
C PHE E 156 -20.99 18.81 30.72
N ILE E 157 -20.04 18.10 31.32
CA ILE E 157 -20.09 17.72 32.72
C ILE E 157 -20.17 18.96 33.62
N GLY E 158 -19.41 20.01 33.29
CA GLY E 158 -19.49 21.31 33.96
C GLY E 158 -20.91 21.87 33.97
N ILE E 159 -21.61 21.85 32.84
CA ILE E 159 -23.03 22.25 32.79
C ILE E 159 -23.88 21.30 33.64
N ALA E 160 -23.77 19.98 33.44
CA ALA E 160 -24.58 19.00 34.16
C ALA E 160 -24.42 19.08 35.69
N GLN E 161 -23.24 19.47 36.17
CA GLN E 161 -22.93 19.63 37.60
C GLN E 161 -23.23 21.04 38.15
N THR E 162 -23.58 22.02 37.32
CA THR E 162 -23.79 23.42 37.78
C THR E 162 -25.09 24.09 37.30
N GLN E 163 -25.83 23.47 36.39
CA GLN E 163 -27.15 23.88 35.90
C GLN E 163 -27.21 25.25 35.18
N THR E 164 -26.07 25.87 34.85
CA THR E 164 -26.03 27.06 33.99
C THR E 164 -26.29 26.71 32.52
N THR E 165 -26.77 27.65 31.72
CA THR E 165 -27.11 27.43 30.30
C THR E 165 -26.41 28.40 29.34
N ASN E 166 -25.54 29.27 29.84
CA ASN E 166 -24.80 30.26 29.04
C ASN E 166 -23.59 29.62 28.34
N LEU E 167 -23.58 29.59 27.01
CA LEU E 167 -22.47 29.02 26.23
C LEU E 167 -21.12 29.74 26.44
N ALA E 168 -21.09 30.96 27.00
CA ALA E 168 -19.83 31.62 27.33
C ALA E 168 -18.99 30.86 28.38
N VAL E 169 -19.58 29.99 29.22
CA VAL E 169 -18.79 29.13 30.12
C VAL E 169 -18.26 27.88 29.41
N VAL E 170 -18.87 27.49 28.29
CA VAL E 170 -18.40 26.38 27.45
C VAL E 170 -17.18 26.78 26.63
N ALA E 171 -17.13 28.04 26.17
CA ALA E 171 -16.08 28.51 25.27
C ALA E 171 -14.64 28.24 25.76
N PRO E 172 -14.23 28.57 27.01
CA PRO E 172 -12.90 28.21 27.50
C PRO E 172 -12.63 26.69 27.44
N GLY E 173 -13.60 25.88 27.85
CA GLY E 173 -13.45 24.43 27.87
C GLY E 173 -13.23 23.85 26.47
N ILE E 174 -13.97 24.32 25.47
CA ILE E 174 -13.76 23.84 24.10
C ILE E 174 -12.53 24.48 23.45
N ALA E 175 -12.08 25.65 23.89
CA ALA E 175 -10.78 26.16 23.46
C ALA E 175 -9.64 25.20 23.87
N GLU E 176 -9.62 24.72 25.12
CA GLU E 176 -8.65 23.68 25.52
C GLU E 176 -8.76 22.44 24.63
N ALA E 177 -9.98 22.01 24.31
CA ALA E 177 -10.20 20.85 23.47
C ALA E 177 -9.62 21.06 22.06
N LEU E 178 -9.92 22.17 21.41
CA LEU E 178 -9.38 22.45 20.08
C LEU E 178 -7.86 22.62 20.14
N LEU E 179 -7.30 23.17 21.21
CA LEU E 179 -5.85 23.24 21.37
C LEU E 179 -5.22 21.84 21.39
N ALA E 180 -5.86 20.86 22.03
CA ALA E 180 -5.36 19.50 22.02
C ALA E 180 -5.30 18.91 20.61
N THR E 181 -6.32 19.16 19.78
CA THR E 181 -6.23 18.82 18.35
C THR E 181 -5.09 19.58 17.66
N ALA E 182 -4.95 20.88 17.89
CA ALA E 182 -3.92 21.67 17.22
C ALA E 182 -2.52 21.11 17.49
N ILE E 183 -2.17 20.90 18.75
CA ILE E 183 -0.88 20.30 19.11
C ILE E 183 -0.78 18.87 18.56
N GLY E 184 -1.89 18.13 18.48
CA GLY E 184 -1.96 16.84 17.82
C GLY E 184 -1.48 16.87 16.37
N LEU E 185 -1.92 17.84 15.57
CA LEU E 185 -1.44 18.02 14.21
C LEU E 185 0.01 18.51 14.16
N VAL E 186 0.43 19.37 15.08
CA VAL E 186 1.82 19.85 15.12
C VAL E 186 2.81 18.70 15.36
N ALA E 187 2.42 17.66 16.08
CA ALA E 187 3.21 16.43 16.19
C ALA E 187 3.06 15.52 14.97
N ALA E 188 1.86 15.44 14.38
CA ALA E 188 1.58 14.52 13.28
C ALA E 188 2.35 14.89 12.02
N ILE E 189 2.23 16.15 11.58
CA ILE E 189 2.62 16.57 10.25
C ILE E 189 4.14 16.41 10.02
N PRO E 190 5.03 16.92 10.89
CA PRO E 190 6.46 16.67 10.75
C PRO E 190 6.78 15.18 10.68
N ALA E 191 6.18 14.36 11.54
CA ALA E 191 6.50 12.94 11.57
C ALA E 191 6.13 12.24 10.26
N VAL E 192 4.92 12.44 9.73
CA VAL E 192 4.53 11.78 8.48
C VAL E 192 5.30 12.32 7.27
N VAL E 193 5.63 13.61 7.24
CA VAL E 193 6.49 14.19 6.19
C VAL E 193 7.89 13.58 6.24
N ILE E 194 8.49 13.54 7.42
CA ILE E 194 9.85 13.07 7.59
C ILE E 194 9.95 11.56 7.35
N TYR E 195 8.94 10.77 7.74
CA TYR E 195 8.91 9.34 7.43
C TYR E 195 8.94 9.12 5.91
N ASN E 196 8.11 9.87 5.19
CA ASN E 196 8.11 9.74 3.70
C ASN E 196 9.48 10.18 3.18
N VAL E 197 10.00 11.31 3.62
CA VAL E 197 11.29 11.82 3.10
C VAL E 197 12.35 10.71 3.24
N PHE E 198 12.45 10.12 4.43
CA PHE E 198 13.52 9.12 4.65
C PHE E 198 13.22 7.86 3.82
N ALA E 199 11.95 7.45 3.75
CA ALA E 199 11.65 6.28 2.91
C ALA E 199 12.16 6.48 1.48
N ARG E 200 12.04 7.70 0.94
CA ARG E 200 12.64 8.05 -0.35
C ARG E 200 14.17 7.99 -0.31
N GLN E 201 14.80 8.54 0.72
CA GLN E 201 16.29 8.61 0.83
C GLN E 201 16.88 7.21 1.05
N ILE E 202 16.21 6.32 1.78
CA ILE E 202 16.60 4.91 1.94
C ILE E 202 16.53 4.20 0.59
N GLY E 203 15.44 4.33 -0.15
CA GLY E 203 15.31 3.68 -1.46
C GLY E 203 16.38 4.15 -2.46
N GLY E 204 16.65 5.44 -2.50
CA GLY E 204 17.72 6.01 -3.33
C GLY E 204 19.10 5.50 -2.93
N PHE E 205 19.44 5.50 -1.64
CA PHE E 205 20.73 4.99 -1.17
C PHE E 205 20.87 3.50 -1.40
N LYS E 206 19.85 2.69 -1.10
CA LYS E 206 19.87 1.24 -1.31
C LYS E 206 20.05 0.88 -2.78
N ALA E 207 19.40 1.60 -3.69
CA ALA E 207 19.58 1.42 -5.11
C ALA E 207 21.00 1.80 -5.59
N MET E 208 21.54 2.92 -5.10
CA MET E 208 22.90 3.34 -5.43
C MET E 208 23.94 2.36 -4.93
N LEU E 209 23.79 1.84 -3.71
CA LEU E 209 24.65 0.80 -3.19
C LEU E 209 24.55 -0.46 -4.05
N GLY E 210 23.35 -0.80 -4.52
CA GLY E 210 23.15 -1.88 -5.48
C GLY E 210 23.90 -1.66 -6.80
N ASP E 211 24.10 -0.43 -7.25
CA ASP E 211 24.90 -0.13 -8.43
C ASP E 211 26.39 -0.45 -8.21
N VAL E 212 26.92 -0.13 -7.03
CA VAL E 212 28.28 -0.54 -6.65
C VAL E 212 28.38 -2.05 -6.51
N ALA E 213 27.39 -2.69 -5.90
CA ALA E 213 27.35 -4.16 -5.82
C ALA E 213 27.33 -4.79 -7.22
N ALA E 214 26.55 -4.24 -8.15
CA ALA E 214 26.55 -4.71 -9.52
C ALA E 214 27.92 -4.56 -10.18
N GLN E 215 28.62 -3.44 -9.99
CA GLN E 215 29.98 -3.31 -10.51
C GLN E 215 30.92 -4.39 -9.97
N VAL E 216 30.87 -4.68 -8.66
CA VAL E 216 31.68 -5.76 -8.07
C VAL E 216 31.34 -7.11 -8.69
N LEU E 217 30.06 -7.45 -8.84
CA LEU E 217 29.64 -8.69 -9.49
C LEU E 217 30.12 -8.75 -10.93
N LEU E 218 29.99 -7.66 -11.69
CA LEU E 218 30.40 -7.61 -13.08
C LEU E 218 31.92 -7.79 -13.19
N LEU E 219 32.72 -7.12 -12.38
CA LEU E 219 34.17 -7.28 -12.38
C LEU E 219 34.57 -8.72 -12.09
N GLN E 220 34.02 -9.31 -11.03
CA GLN E 220 34.32 -10.70 -10.68
C GLN E 220 33.90 -11.65 -11.79
N SER E 221 32.67 -11.51 -12.28
CA SER E 221 32.13 -12.38 -13.32
C SER E 221 32.98 -12.29 -14.59
N ARG E 222 33.34 -11.09 -15.02
CA ARG E 222 34.14 -10.89 -16.22
C ARG E 222 35.53 -11.50 -16.07
N ASP E 223 36.24 -11.24 -14.99
CA ASP E 223 37.64 -11.70 -14.75
C ASP E 223 37.71 -13.21 -14.55
N LEU E 224 36.67 -13.83 -13.95
CA LEU E 224 36.54 -15.29 -13.93
C LEU E 224 36.43 -15.85 -15.35
N ASP E 225 35.59 -15.28 -16.21
CA ASP E 225 35.43 -15.76 -17.57
C ASP E 225 36.73 -15.62 -18.37
N LEU E 226 37.51 -14.55 -18.17
CA LEU E 226 38.85 -14.41 -18.76
C LEU E 226 39.82 -15.45 -18.21
N GLU E 227 39.86 -15.68 -16.90
CA GLU E 227 40.70 -16.71 -16.30
C GLU E 227 40.37 -18.10 -16.86
N ALA E 228 39.09 -18.40 -17.09
CA ALA E 228 38.66 -19.64 -17.72
C ALA E 228 39.07 -19.72 -19.20
N SER E 229 38.96 -18.61 -19.94
CA SER E 229 39.40 -18.53 -21.34
C SER E 229 40.90 -18.84 -21.50
N ALA E 230 41.73 -18.38 -20.57
CA ALA E 230 43.18 -18.57 -20.61
C ALA E 230 43.63 -20.05 -20.59
N ALA E 231 42.76 -20.99 -20.22
CA ALA E 231 43.03 -22.42 -20.28
C ALA E 231 42.93 -23.02 -21.71
N ALA E 232 42.33 -22.31 -22.68
CA ALA E 232 42.14 -22.80 -24.04
C ALA E 232 43.46 -23.06 -24.79
N PRO F 10 -3.43 -17.58 29.04
CA PRO F 10 -2.62 -18.17 30.10
C PRO F 10 -2.31 -17.10 31.14
N TRP F 11 -1.05 -17.02 31.58
CA TRP F 11 -0.69 -15.94 32.53
C TRP F 11 -0.71 -14.59 31.81
N PRO F 12 -0.59 -14.49 30.47
CA PRO F 12 -0.71 -13.20 29.79
C PRO F 12 -2.15 -12.67 29.77
N THR F 13 -3.11 -13.55 29.53
CA THR F 13 -4.54 -13.20 29.57
C THR F 13 -4.95 -12.75 30.97
N LEU F 14 -4.58 -13.53 31.99
CA LEU F 14 -4.88 -13.19 33.39
C LEU F 14 -4.25 -11.86 33.80
N LEU F 15 -2.99 -11.63 33.45
CA LEU F 15 -2.30 -10.37 33.76
C LEU F 15 -2.99 -9.17 33.10
N SER F 16 -3.46 -9.31 31.85
CA SER F 16 -4.19 -8.25 31.17
C SER F 16 -5.48 -7.85 31.91
N VAL F 17 -6.33 -8.80 32.31
CA VAL F 17 -7.53 -8.47 33.08
C VAL F 17 -7.20 -7.95 34.47
N CYS F 18 -6.05 -8.33 35.06
CA CYS F 18 -5.58 -7.76 36.32
C CYS F 18 -5.20 -6.28 36.19
N ILE F 19 -4.44 -5.87 35.17
CA ILE F 19 -4.13 -4.45 34.97
C ILE F 19 -5.39 -3.64 34.59
N HIS F 20 -6.30 -4.18 33.77
CA HIS F 20 -7.59 -3.52 33.55
C HIS F 20 -8.43 -3.42 34.84
N GLY F 21 -8.37 -4.42 35.73
CA GLY F 21 -8.98 -4.37 37.06
C GLY F 21 -8.40 -3.26 37.95
N ALA F 22 -7.08 -3.03 37.91
CA ALA F 22 -6.43 -1.93 38.61
C ALA F 22 -6.76 -0.55 38.01
N VAL F 23 -6.93 -0.47 36.68
CA VAL F 23 -7.21 0.78 35.95
C VAL F 23 -8.69 1.18 36.02
N VAL F 24 -9.63 0.24 36.05
CA VAL F 24 -11.08 0.54 36.12
C VAL F 24 -11.54 0.99 37.52
N ALA F 25 -10.74 0.77 38.57
CA ALA F 25 -11.10 1.10 39.94
C ALA F 25 -11.23 2.62 40.21
N GLY F 26 -12.24 2.99 41.01
CA GLY F 26 -12.50 4.37 41.45
C GLY F 26 -14.00 4.70 41.55
N ASN G 12 6.81 -4.73 5.81
CA ASN G 12 6.48 -4.00 7.08
C ASN G 12 4.97 -3.90 7.23
N GLY G 13 4.33 -3.07 6.39
CA GLY G 13 2.87 -2.88 6.49
C GLY G 13 2.53 -2.10 7.75
N GLU G 14 3.53 -1.40 8.31
CA GLU G 14 3.30 -0.66 9.57
C GLU G 14 2.40 0.55 9.30
N MET G 15 1.36 0.74 10.12
CA MET G 15 0.51 1.94 9.95
C MET G 15 1.43 3.16 10.04
N HIS G 16 1.45 3.99 8.98
CA HIS G 16 2.38 5.14 8.96
C HIS G 16 1.68 6.35 8.34
N ASP G 17 0.35 6.37 8.38
CA ASP G 17 -0.37 7.46 7.73
C ASP G 17 -1.54 7.98 8.57
N ILE G 18 -1.90 9.25 8.39
CA ILE G 18 -3.05 9.87 9.07
C ILE G 18 -4.32 9.44 8.33
N ASN G 19 -5.10 8.51 8.87
CA ASN G 19 -6.38 8.16 8.26
C ASN G 19 -7.45 9.21 8.58
N VAL G 20 -8.32 9.48 7.60
CA VAL G 20 -9.18 10.67 7.58
C VAL G 20 -10.52 10.45 8.27
N THR G 21 -11.16 9.32 8.04
CA THR G 21 -12.58 9.12 8.35
C THR G 21 -12.96 9.12 9.83
N PRO G 22 -12.17 8.60 10.78
CA PRO G 22 -12.47 8.77 12.21
C PRO G 22 -12.55 10.24 12.61
N PHE G 23 -11.65 11.05 12.04
CA PHE G 23 -11.53 12.48 12.29
C PHE G 23 -12.77 13.23 11.78
N ILE G 24 -13.17 12.96 10.54
CA ILE G 24 -14.39 13.50 9.95
C ILE G 24 -15.62 13.12 10.78
N ASP G 25 -15.78 11.85 11.11
CA ASP G 25 -16.97 11.38 11.82
C ASP G 25 -17.05 11.95 13.24
N VAL G 26 -15.96 12.04 14.00
CA VAL G 26 -16.02 12.64 15.34
C VAL G 26 -16.29 14.14 15.26
N MET G 27 -15.76 14.84 14.27
CA MET G 27 -16.06 16.25 14.05
C MET G 27 -17.51 16.46 13.64
N LEU G 28 -18.10 15.56 12.84
CA LEU G 28 -19.51 15.58 12.51
C LEU G 28 -20.37 15.36 13.75
N VAL G 29 -19.98 14.41 14.59
CA VAL G 29 -20.61 14.19 15.89
C VAL G 29 -20.56 15.46 16.75
N LEU G 30 -19.42 16.15 16.84
CA LEU G 30 -19.32 17.41 17.57
C LEU G 30 -20.20 18.51 16.97
N LEU G 31 -20.26 18.64 15.64
CA LEU G 31 -21.15 19.57 14.99
C LEU G 31 -22.61 19.31 15.37
N ILE G 32 -23.06 18.05 15.26
CA ILE G 32 -24.43 17.69 15.63
C ILE G 32 -24.69 17.99 17.11
N ILE G 33 -23.72 17.74 18.00
CA ILE G 33 -23.87 18.08 19.42
C ILE G 33 -24.14 19.58 19.61
N PHE G 34 -23.45 20.46 18.87
CA PHE G 34 -23.65 21.94 19.01
C PHE G 34 -24.92 22.35 18.25
N MET G 35 -25.36 21.60 17.25
CA MET G 35 -26.65 21.81 16.62
C MET G 35 -27.85 21.36 17.47
N VAL G 36 -27.71 20.45 18.44
CA VAL G 36 -28.76 20.26 19.45
C VAL G 36 -28.62 21.29 20.58
N ALA G 37 -27.42 21.42 21.18
CA ALA G 37 -27.24 22.22 22.38
C ALA G 37 -27.49 23.73 22.17
N ALA G 38 -26.92 24.32 21.12
CA ALA G 38 -26.94 25.76 20.94
C ALA G 38 -28.35 26.33 20.68
N PRO G 39 -29.17 25.79 19.77
CA PRO G 39 -30.53 26.30 19.61
C PRO G 39 -31.45 25.92 20.78
N LEU G 40 -31.14 24.84 21.52
CA LEU G 40 -31.88 24.50 22.72
C LEU G 40 -31.73 25.59 23.80
N ALA G 41 -30.50 26.05 24.04
CA ALA G 41 -30.24 27.18 24.94
C ALA G 41 -30.89 28.48 24.43
N ASN H 12 2.39 0.44 -8.52
CA ASN H 12 2.21 1.61 -9.42
C ASN H 12 2.15 2.88 -8.59
N GLY H 13 2.66 4.01 -9.12
CA GLY H 13 2.91 5.22 -8.33
C GLY H 13 1.78 6.25 -8.25
N GLU H 14 0.74 6.12 -9.06
CA GLU H 14 -0.42 7.02 -9.12
C GLU H 14 -1.20 7.10 -7.80
N MET H 15 -1.83 8.24 -7.49
CA MET H 15 -2.73 8.38 -6.33
C MET H 15 -4.18 8.58 -6.76
N HIS H 16 -5.13 7.81 -6.19
CA HIS H 16 -6.55 7.82 -6.67
C HIS H 16 -7.57 7.73 -5.55
N ASP H 17 -7.16 7.86 -4.29
CA ASP H 17 -8.06 7.67 -3.15
C ASP H 17 -8.58 9.00 -2.60
N ILE H 18 -9.79 9.02 -2.05
CA ILE H 18 -10.42 10.23 -1.50
C ILE H 18 -9.67 10.72 -0.27
N ASN H 19 -9.31 12.00 -0.27
CA ASN H 19 -9.03 12.75 0.96
C ASN H 19 -10.07 13.86 1.09
N VAL H 20 -10.80 13.89 2.21
CA VAL H 20 -11.87 14.86 2.45
C VAL H 20 -11.58 15.74 3.68
N THR H 21 -10.34 15.74 4.18
CA THR H 21 -9.98 16.45 5.44
C THR H 21 -10.40 17.93 5.49
N PRO H 22 -10.39 18.74 4.41
CA PRO H 22 -10.85 20.12 4.51
C PRO H 22 -12.31 20.25 4.94
N PHE H 23 -13.13 19.19 4.88
CA PHE H 23 -14.48 19.27 5.40
C PHE H 23 -14.52 19.39 6.92
N ILE H 24 -13.48 18.95 7.62
CA ILE H 24 -13.34 19.20 9.07
C ILE H 24 -13.36 20.72 9.31
N ASP H 25 -12.68 21.48 8.46
CA ASP H 25 -12.61 22.93 8.56
C ASP H 25 -14.00 23.54 8.46
N VAL H 26 -14.81 23.05 7.53
CA VAL H 26 -16.19 23.50 7.38
C VAL H 26 -17.00 23.14 8.63
N MET H 27 -16.87 21.92 9.16
CA MET H 27 -17.56 21.55 10.40
C MET H 27 -17.18 22.45 11.58
N LEU H 28 -15.91 22.80 11.73
CA LEU H 28 -15.48 23.73 12.77
C LEU H 28 -16.13 25.11 12.57
N VAL H 29 -16.17 25.60 11.34
CA VAL H 29 -16.81 26.89 11.04
C VAL H 29 -18.31 26.85 11.30
N LEU H 30 -18.98 25.77 10.92
CA LEU H 30 -20.39 25.57 11.28
C LEU H 30 -20.57 25.55 12.80
N LEU H 31 -19.69 24.87 13.54
CA LEU H 31 -19.76 24.76 14.99
C LEU H 31 -19.70 26.14 15.66
N ILE H 32 -18.74 27.00 15.30
CA ILE H 32 -18.66 28.35 15.86
C ILE H 32 -19.89 29.20 15.49
N ILE H 33 -20.41 29.14 14.25
CA ILE H 33 -21.57 29.99 13.93
C ILE H 33 -22.86 29.51 14.60
N PHE H 34 -23.06 28.20 14.81
CA PHE H 34 -24.16 27.75 15.67
C PHE H 34 -23.96 28.22 17.10
N MET H 35 -22.76 28.06 17.68
CA MET H 35 -22.46 28.50 19.04
C MET H 35 -22.78 29.97 19.28
N VAL H 36 -22.44 30.85 18.33
CA VAL H 36 -22.66 32.29 18.49
C VAL H 36 -24.10 32.70 18.14
N ALA H 37 -24.65 32.24 17.01
CA ALA H 37 -25.89 32.78 16.47
C ALA H 37 -27.16 32.09 16.99
N ALA H 38 -27.14 30.77 17.17
CA ALA H 38 -28.35 29.97 17.37
C ALA H 38 -29.19 30.31 18.62
N PRO H 39 -28.61 30.50 19.83
CA PRO H 39 -29.39 30.88 21.01
C PRO H 39 -29.85 32.36 21.01
N LEU H 40 -29.36 33.19 20.07
CA LEU H 40 -29.68 34.60 19.95
C LEU H 40 -29.61 35.37 21.29
#